data_6Z4Z
#
_entry.id   6Z4Z
#
_cell.length_a   56.290
_cell.length_b   116.670
_cell.length_c   91.291
_cell.angle_alpha   90.000
_cell.angle_beta   98.590
_cell.angle_gamma   90.000
#
_symmetry.space_group_name_H-M   'P 1 21 1'
#
loop_
_entity.id
_entity.type
_entity.pdbx_description
1 polymer 'Dual specificity protein kinase CLK1'
2 non-polymer 'PHOSPHATE ION'
3 non-polymer GLYCEROL
4 non-polymer '7,10-Dioxa-13,17,18,21-tetrazatetracyclo[12.5.2.12,6.017,20]docosa-1(20),2(22),3,5,14(21),15,18-heptaene-5-carboxylic acid'
5 water water
#
_entity_poly.entity_id   1
_entity_poly.type   'polypeptide(L)'
_entity_poly.pdbx_seq_one_letter_code
;SMHLICQSGDVLSARYEIVDTLGEGAFGKVVECIDHKAGGRHVAVKIVKNVDRYCEAARSEIQVLEHLNTTDPNSTFRCV
QMLEWFEHHGHICIVFELLGLSTYDFIKENGFLPFRLDHIRKMAYQICKSVNFLHSNKLTHTDLKPENILFVQSDYTEAY
NPKIKRDERTLINPDIKVVDFGSATYDDEHHSTLVSTRHYRAPEVILALGWSQPCDVWSIGCILIEYYLGFTVFPTHDSK
EHLAMMERILGPLPKHMIQKTRKRKYFHHDRLDWDEHSSAGRYVSRACKPLKEFMLSQDVEHERLFDLIQKMLEYDPAKR
ITLREALKHPFFDLLKKSI
;
_entity_poly.pdbx_strand_id   A,B,C
#
# COMPACT_ATOMS: atom_id res chain seq x y z
N SER A 1 11.21 25.05 -24.79
CA SER A 1 11.19 26.51 -25.02
C SER A 1 11.42 27.33 -23.73
N MET A 2 11.80 26.71 -22.60
CA MET A 2 12.04 27.51 -21.37
C MET A 2 13.18 28.56 -21.49
N HIS A 3 14.35 28.14 -21.98
CA HIS A 3 15.44 29.04 -22.38
C HIS A 3 14.94 30.32 -23.15
N LEU A 4 13.85 30.17 -23.89
CA LEU A 4 13.33 31.27 -24.68
C LEU A 4 12.48 32.28 -23.93
N ILE A 5 12.12 31.99 -22.68
CA ILE A 5 11.27 32.90 -21.89
C ILE A 5 11.80 33.30 -20.53
N CYS A 6 13.02 32.92 -20.20
CA CYS A 6 13.51 33.14 -18.85
C CYS A 6 14.76 33.97 -18.85
N GLN A 7 15.00 34.77 -19.90
CA GLN A 7 16.21 35.59 -20.05
C GLN A 7 16.20 36.93 -19.35
N SER A 8 17.39 37.41 -18.93
CA SER A 8 17.54 38.75 -18.36
C SER A 8 16.89 39.75 -19.25
N GLY A 9 16.07 40.61 -18.67
CA GLY A 9 15.38 41.65 -19.45
C GLY A 9 13.99 41.28 -19.92
N ASP A 10 13.64 40.01 -19.95
CA ASP A 10 12.28 39.66 -20.35
C ASP A 10 11.33 40.17 -19.30
N VAL A 11 10.12 40.48 -19.72
CA VAL A 11 9.09 40.89 -18.82
C VAL A 11 8.00 39.85 -18.76
N LEU A 12 7.67 39.42 -17.55
CA LEU A 12 6.59 38.47 -17.34
C LEU A 12 5.33 39.16 -16.85
N SER A 13 4.21 38.84 -17.48
CA SER A 13 2.87 39.24 -17.03
C SER A 13 2.75 40.77 -16.98
N ALA A 14 3.45 41.44 -17.85
CA ALA A 14 3.45 42.91 -17.94
C ALA A 14 3.90 43.63 -16.64
N ARG A 15 4.75 42.98 -15.87
CA ARG A 15 5.01 43.42 -14.54
C ARG A 15 6.39 43.10 -14.00
N TYR A 16 6.82 41.85 -14.15
CA TYR A 16 8.05 41.37 -13.57
C TYR A 16 9.16 41.35 -14.58
N GLU A 17 10.21 42.10 -14.36
CA GLU A 17 11.35 42.10 -15.26
C GLU A 17 12.48 41.20 -14.72
N ILE A 18 12.89 40.21 -15.51
CA ILE A 18 13.89 39.26 -15.06
C ILE A 18 15.24 39.96 -14.99
N VAL A 19 15.89 39.82 -13.82
CA VAL A 19 17.23 40.31 -13.55
C VAL A 19 18.24 39.19 -13.77
N ASP A 20 18.07 38.04 -13.14
CA ASP A 20 19.06 36.97 -13.24
C ASP A 20 18.46 35.64 -12.76
N THR A 21 19.15 34.54 -13.01
CA THR A 21 18.71 33.23 -12.53
C THR A 21 19.23 32.94 -11.14
N LEU A 22 18.35 32.52 -10.27
CA LEU A 22 18.72 32.19 -8.88
C LEU A 22 19.05 30.73 -8.71
N GLY A 23 18.34 29.88 -9.44
CA GLY A 23 18.56 28.46 -9.37
C GLY A 23 17.79 27.75 -10.45
N GLU A 24 18.23 26.52 -10.74
CA GLU A 24 17.69 25.71 -11.82
C GLU A 24 17.52 24.31 -11.32
N GLY A 25 16.66 23.58 -11.97
CA GLY A 25 16.31 22.26 -11.51
C GLY A 25 15.60 21.53 -12.60
N ALA A 26 15.15 20.34 -12.25
CA ALA A 26 14.42 19.53 -13.20
C ALA A 26 13.06 20.17 -13.40
N PHE A 27 12.53 20.76 -12.31
CA PHE A 27 11.26 21.49 -12.34
C PHE A 27 11.23 22.70 -13.25
N GLY A 28 12.37 23.34 -13.49
CA GLY A 28 12.48 24.57 -14.26
C GLY A 28 13.48 25.47 -13.57
N LYS A 29 13.16 26.76 -13.37
CA LYS A 29 14.11 27.63 -12.73
C LYS A 29 13.47 28.69 -11.86
N VAL A 30 14.29 29.32 -11.04
CA VAL A 30 13.84 30.42 -10.21
C VAL A 30 14.67 31.60 -10.63
N VAL A 31 13.98 32.69 -11.01
CA VAL A 31 14.64 33.92 -11.43
C VAL A 31 14.32 35.07 -10.44
N GLU A 32 15.27 35.99 -10.29
CA GLU A 32 15.04 37.19 -9.55
C GLU A 32 14.45 38.20 -10.52
N CYS A 33 13.39 38.91 -10.12
CA CYS A 33 12.75 39.89 -10.95
C CYS A 33 12.53 41.19 -10.24
N ILE A 34 12.47 42.26 -11.02
CA ILE A 34 11.99 43.54 -10.55
C ILE A 34 10.49 43.63 -10.75
N ASP A 35 9.73 43.81 -9.66
CA ASP A 35 8.28 43.98 -9.75
C ASP A 35 7.93 45.43 -9.97
N HIS A 36 7.64 45.76 -11.21
CA HIS A 36 7.40 47.13 -11.62
C HIS A 36 6.08 47.69 -11.14
N LYS A 37 5.17 46.86 -10.67
CA LYS A 37 3.97 47.36 -10.09
C LYS A 37 4.00 47.45 -8.57
N ALA A 38 5.08 47.03 -7.96
CA ALA A 38 5.23 47.21 -6.49
C ALA A 38 6.45 48.10 -6.23
N GLY A 39 6.61 49.12 -7.06
CA GLY A 39 7.61 50.13 -6.89
C GLY A 39 9.03 49.73 -7.20
N GLY A 40 9.25 48.60 -7.83
CA GLY A 40 10.58 48.18 -8.17
C GLY A 40 11.18 47.19 -7.23
N ARG A 41 10.41 46.74 -6.24
CA ARG A 41 10.96 45.75 -5.34
C ARG A 41 11.25 44.38 -6.07
N HIS A 42 12.28 43.73 -5.58
CA HIS A 42 12.75 42.48 -6.17
C HIS A 42 11.97 41.32 -5.58
N VAL A 43 11.66 40.35 -6.43
CA VAL A 43 10.96 39.14 -6.03
C VAL A 43 11.64 37.91 -6.68
N ALA A 44 11.23 36.73 -6.27
CA ALA A 44 11.69 35.50 -6.91
C ALA A 44 10.50 34.93 -7.67
N VAL A 45 10.71 34.48 -8.91
CA VAL A 45 9.68 33.86 -9.64
C VAL A 45 10.13 32.48 -10.05
N LYS A 46 9.31 31.50 -9.69
CA LYS A 46 9.55 30.13 -10.12
C LYS A 46 8.83 29.84 -11.40
N ILE A 47 9.59 29.55 -12.47
CA ILE A 47 9.06 29.25 -13.76
C ILE A 47 9.11 27.73 -13.96
N VAL A 48 7.94 27.13 -14.06
CA VAL A 48 7.82 25.67 -14.08
C VAL A 48 7.83 25.11 -15.51
N LYS A 49 8.60 24.04 -15.70
CA LYS A 49 8.61 23.38 -16.99
C LYS A 49 7.23 22.97 -17.40
N ASN A 50 6.97 23.03 -18.69
CA ASN A 50 5.66 22.71 -19.18
C ASN A 50 5.57 21.20 -19.42
N VAL A 51 5.67 20.44 -18.33
CA VAL A 51 5.71 18.98 -18.35
C VAL A 51 4.81 18.51 -17.21
N ASP A 52 3.96 17.53 -17.48
CA ASP A 52 2.83 17.22 -16.61
C ASP A 52 3.20 17.04 -15.17
N ARG A 53 4.20 16.24 -14.94
CA ARG A 53 4.62 15.96 -13.61
C ARG A 53 4.97 17.26 -12.85
N TYR A 54 5.58 18.24 -13.51
CA TYR A 54 5.97 19.48 -12.83
C TYR A 54 4.82 20.48 -12.75
N CYS A 55 3.95 20.52 -13.75
CA CYS A 55 2.71 21.31 -13.65
C CYS A 55 1.83 20.86 -12.50
N GLU A 56 1.68 19.56 -12.32
CA GLU A 56 0.87 19.05 -11.23
C GLU A 56 1.50 19.37 -9.88
N ALA A 57 2.81 19.22 -9.75
CA ALA A 57 3.48 19.57 -8.55
C ALA A 57 3.33 21.07 -8.24
N ALA A 58 3.39 21.91 -9.25
CA ALA A 58 3.25 23.35 -9.08
C ALA A 58 1.84 23.73 -8.61
N ARG A 59 0.85 23.10 -9.21
CA ARG A 59 -0.52 23.26 -8.77
C ARG A 59 -0.71 22.82 -7.32
N SER A 60 -0.10 21.68 -6.97
CA SER A 60 -0.15 21.18 -5.62
C SER A 60 0.58 22.15 -4.64
N GLU A 61 1.74 22.66 -5.06
CA GLU A 61 2.47 23.60 -4.25
C GLU A 61 1.64 24.84 -3.96
N ILE A 62 0.92 25.33 -4.95
CA ILE A 62 0.11 26.52 -4.79
C ILE A 62 -0.98 26.27 -3.75
N GLN A 63 -1.63 25.10 -3.78
CA GLN A 63 -2.64 24.78 -2.76
C GLN A 63 -2.00 24.73 -1.35
N VAL A 64 -0.85 24.07 -1.21
CA VAL A 64 -0.21 23.96 0.07
C VAL A 64 0.17 25.32 0.64
N LEU A 65 0.73 26.17 -0.19
CA LEU A 65 1.11 27.52 0.24
C LEU A 65 -0.08 28.41 0.59
N GLU A 66 -1.20 28.30 -0.13
CA GLU A 66 -2.40 29.07 0.24
C GLU A 66 -2.81 28.71 1.65
N HIS A 67 -2.73 27.44 1.95
CA HIS A 67 -3.10 26.93 3.24
C HIS A 67 -2.11 27.46 4.32
N LEU A 68 -0.83 27.24 4.12
CA LEU A 68 0.19 27.64 5.09
C LEU A 68 0.28 29.14 5.32
N ASN A 69 0.34 29.91 4.25
CA ASN A 69 0.34 31.37 4.36
C ASN A 69 -0.98 31.96 4.96
N THR A 70 -2.12 31.30 4.76
CA THR A 70 -3.35 31.68 5.45
C THR A 70 -3.33 31.33 6.97
N THR A 71 -2.85 30.16 7.32
CA THR A 71 -2.79 29.74 8.73
C THR A 71 -1.75 30.54 9.50
N ASP A 72 -0.65 30.93 8.84
CA ASP A 72 0.45 31.62 9.47
C ASP A 72 0.81 32.84 8.62
N PRO A 73 -0.08 33.83 8.59
CA PRO A 73 0.15 34.99 7.72
C PRO A 73 1.43 35.78 8.02
N ASN A 74 1.94 35.72 9.25
CA ASN A 74 3.17 36.42 9.60
C ASN A 74 4.42 35.59 9.42
N SER A 75 4.28 34.38 8.91
CA SER A 75 5.45 33.50 8.75
C SER A 75 6.25 33.30 10.07
N THR A 76 5.52 33.22 11.15
CA THR A 76 6.08 32.83 12.40
C THR A 76 6.80 31.50 12.30
N PHE A 77 6.28 30.59 11.47
CA PHE A 77 6.88 29.28 11.37
C PHE A 77 7.77 29.18 10.14
N ARG A 78 8.10 30.32 9.54
CA ARG A 78 9.21 30.40 8.57
C ARG A 78 9.07 29.57 7.28
N CYS A 79 7.85 29.37 6.84
CA CYS A 79 7.58 28.94 5.45
C CYS A 79 7.54 30.16 4.52
N VAL A 80 8.13 30.00 3.33
CA VAL A 80 8.22 31.09 2.35
C VAL A 80 6.84 31.60 2.03
N GLN A 81 6.73 32.91 1.78
CA GLN A 81 5.47 33.54 1.39
C GLN A 81 5.30 33.56 -0.13
N MET A 82 4.21 32.98 -0.60
CA MET A 82 3.81 33.08 -1.98
C MET A 82 3.01 34.34 -2.18
N LEU A 83 3.37 35.12 -3.18
CA LEU A 83 2.70 36.36 -3.45
C LEU A 83 1.61 36.23 -4.47
N GLU A 84 1.85 35.46 -5.52
CA GLU A 84 0.84 35.22 -6.54
C GLU A 84 1.34 34.19 -7.53
N TRP A 85 0.49 33.80 -8.48
CA TRP A 85 0.91 32.97 -9.57
C TRP A 85 0.21 33.39 -10.88
N PHE A 86 0.80 33.04 -12.01
CA PHE A 86 0.25 33.36 -13.29
C PHE A 86 0.84 32.40 -14.35
N GLU A 87 0.34 32.51 -15.57
CA GLU A 87 0.85 31.77 -16.73
C GLU A 87 1.52 32.70 -17.69
N HIS A 88 2.64 32.26 -18.22
CA HIS A 88 3.41 33.01 -19.16
C HIS A 88 3.88 32.03 -20.18
N HIS A 89 3.40 32.21 -21.41
CA HIS A 89 3.64 31.27 -22.42
C HIS A 89 3.49 29.87 -21.99
N GLY A 90 2.34 29.56 -21.31
CA GLY A 90 1.90 28.19 -21.05
C GLY A 90 2.69 27.57 -19.94
N HIS A 91 3.47 28.40 -19.25
CA HIS A 91 4.25 27.93 -18.14
C HIS A 91 3.63 28.53 -16.89
N ILE A 92 3.43 27.71 -15.88
CA ILE A 92 3.03 28.22 -14.58
C ILE A 92 4.20 28.97 -13.97
N CYS A 93 3.95 30.18 -13.46
CA CYS A 93 4.94 30.95 -12.72
C CYS A 93 4.41 31.29 -11.32
N ILE A 94 5.21 31.06 -10.29
CA ILE A 94 4.80 31.36 -8.94
C ILE A 94 5.75 32.39 -8.40
N VAL A 95 5.19 33.47 -7.87
CA VAL A 95 5.97 34.58 -7.35
C VAL A 95 6.08 34.41 -5.85
N PHE A 96 7.30 34.53 -5.34
CA PHE A 96 7.58 34.44 -3.94
C PHE A 96 8.33 35.67 -3.47
N GLU A 97 8.34 35.88 -2.16
CA GLU A 97 9.26 36.86 -1.57
C GLU A 97 10.71 36.49 -1.93
N LEU A 98 11.57 37.48 -2.13
CA LEU A 98 12.98 37.24 -2.45
C LEU A 98 13.80 37.06 -1.18
N LEU A 99 14.47 35.92 -1.07
CA LEU A 99 15.32 35.61 0.09
C LEU A 99 16.76 35.61 -0.39
N GLY A 100 17.68 35.29 0.51
CA GLY A 100 19.12 35.18 0.11
C GLY A 100 19.43 33.81 -0.40
N LEU A 101 20.71 33.50 -0.48
CA LEU A 101 21.15 32.20 -0.99
C LEU A 101 20.57 31.02 -0.22
N SER A 102 20.37 29.89 -0.92
CA SER A 102 20.10 28.65 -0.25
C SER A 102 21.31 28.30 0.63
N THR A 103 21.07 27.52 1.67
CA THR A 103 22.17 27.10 2.53
C THR A 103 23.16 26.28 1.74
N TYR A 104 22.67 25.53 0.75
CA TYR A 104 23.58 24.79 -0.15
C TYR A 104 24.48 25.68 -0.95
N ASP A 105 23.91 26.70 -1.60
CA ASP A 105 24.73 27.56 -2.40
C ASP A 105 25.74 28.34 -1.52
N PHE A 106 25.35 28.71 -0.32
CA PHE A 106 26.28 29.46 0.53
C PHE A 106 27.50 28.58 0.82
N ILE A 107 27.24 27.35 1.18
CA ILE A 107 28.36 26.39 1.46
C ILE A 107 29.21 26.19 0.23
N LYS A 108 28.56 26.01 -0.90
CA LYS A 108 29.26 25.84 -2.15
C LYS A 108 30.17 27.02 -2.50
N GLU A 109 29.62 28.22 -2.35
CA GLU A 109 30.39 29.40 -2.68
C GLU A 109 31.49 29.67 -1.70
N ASN A 110 31.43 29.07 -0.50
CA ASN A 110 32.46 29.23 0.49
C ASN A 110 33.46 28.09 0.44
N GLY A 111 33.57 27.45 -0.72
CA GLY A 111 34.51 26.36 -0.90
C GLY A 111 34.18 25.09 -0.11
N PHE A 112 32.89 24.84 0.13
CA PHE A 112 32.46 23.67 0.88
C PHE A 112 33.07 23.61 2.35
N LEU A 113 33.08 24.75 3.02
CA LEU A 113 33.35 24.85 4.40
C LEU A 113 32.06 24.81 5.19
N PRO A 114 32.11 24.27 6.42
CA PRO A 114 30.90 24.11 7.20
C PRO A 114 30.48 25.42 7.86
N PHE A 115 29.29 25.43 8.40
CA PHE A 115 28.87 26.49 9.30
C PHE A 115 29.43 26.31 10.72
N ARG A 116 29.57 27.42 11.41
CA ARG A 116 29.96 27.45 12.83
C ARG A 116 28.83 26.87 13.65
N LEU A 117 29.17 26.22 14.75
CA LEU A 117 28.20 25.50 15.59
C LEU A 117 27.06 26.37 16.13
N ASP A 118 27.35 27.58 16.56
CA ASP A 118 26.29 28.45 17.06
C ASP A 118 25.27 28.84 15.97
N HIS A 119 25.75 28.99 14.75
CA HIS A 119 24.81 29.16 13.64
C HIS A 119 24.01 27.93 13.40
N ILE A 120 24.67 26.78 13.44
CA ILE A 120 23.97 25.53 13.16
C ILE A 120 22.85 25.37 14.18
N ARG A 121 23.13 25.72 15.42
CA ARG A 121 22.13 25.59 16.49
C ARG A 121 20.89 26.43 16.17
N LYS A 122 21.07 27.68 15.76
CA LYS A 122 19.93 28.50 15.41
C LYS A 122 19.24 28.02 14.15
N MET A 123 20.01 27.60 13.13
CA MET A 123 19.38 27.14 11.89
C MET A 123 18.58 25.90 12.15
N ALA A 124 19.14 24.98 12.95
CA ALA A 124 18.48 23.74 13.28
C ALA A 124 17.19 23.97 14.04
N TYR A 125 17.23 24.87 15.00
CA TYR A 125 16.05 25.13 15.74
C TYR A 125 14.94 25.62 14.83
N GLN A 126 15.26 26.57 13.95
CA GLN A 126 14.30 27.13 13.03
C GLN A 126 13.78 26.13 12.02
N ILE A 127 14.65 25.27 11.50
CA ILE A 127 14.18 24.19 10.62
C ILE A 127 13.21 23.24 11.33
N CYS A 128 13.56 22.86 12.56
CA CYS A 128 12.72 21.94 13.31
C CYS A 128 11.37 22.56 13.64
N LYS A 129 11.37 23.85 13.97
CA LYS A 129 10.16 24.55 14.27
C LYS A 129 9.23 24.67 13.05
N SER A 130 9.82 25.02 11.93
CA SER A 130 9.11 25.21 10.70
C SER A 130 8.48 23.91 10.20
N VAL A 131 9.26 22.84 10.19
CA VAL A 131 8.79 21.56 9.69
C VAL A 131 7.82 20.93 10.69
N ASN A 132 8.03 21.17 11.99
CA ASN A 132 7.08 20.69 12.98
C ASN A 132 5.68 21.31 12.78
N PHE A 133 5.67 22.56 12.38
CA PHE A 133 4.44 23.22 12.03
C PHE A 133 3.73 22.48 10.87
N LEU A 134 4.47 22.08 9.85
CA LEU A 134 3.89 21.26 8.80
C LEU A 134 3.35 19.98 9.38
N HIS A 135 4.15 19.31 10.20
CA HIS A 135 3.70 18.06 10.83
C HIS A 135 2.47 18.26 11.69
N SER A 136 2.27 19.46 12.25
CA SER A 136 1.07 19.72 13.04
C SER A 136 -0.12 19.98 12.19
N ASN A 137 0.08 20.21 10.90
CA ASN A 137 -1.02 20.47 9.99
C ASN A 137 -1.18 19.31 8.99
N LYS A 138 -0.86 18.10 9.42
CA LYS A 138 -1.04 16.87 8.63
C LYS A 138 -0.28 16.83 7.32
N LEU A 139 0.89 17.46 7.28
CA LEU A 139 1.73 17.49 6.10
C LEU A 139 3.11 16.89 6.36
N THR A 140 3.68 16.32 5.30
CA THR A 140 5.03 15.88 5.25
C THR A 140 5.64 16.59 4.05
N HIS A 141 6.79 17.22 4.24
CA HIS A 141 7.46 17.95 3.15
C HIS A 141 7.99 16.97 2.09
N THR A 142 8.76 15.98 2.56
CA THR A 142 9.37 14.91 1.78
C THR A 142 10.61 15.26 0.96
N ASP A 143 10.90 16.54 0.79
CA ASP A 143 12.06 16.92 0.01
C ASP A 143 12.90 17.98 0.70
N LEU A 144 13.20 17.76 1.99
CA LEU A 144 14.02 18.68 2.67
C LEU A 144 15.46 18.40 2.29
N LYS A 145 16.20 19.48 2.09
CA LYS A 145 17.63 19.41 1.71
C LYS A 145 18.15 20.84 1.76
N PRO A 146 19.47 21.02 1.77
CA PRO A 146 20.01 22.36 1.94
C PRO A 146 19.64 23.36 0.86
N GLU A 147 19.41 22.88 -0.34
CA GLU A 147 18.88 23.73 -1.42
C GLU A 147 17.51 24.30 -1.16
N ASN A 148 16.72 23.65 -0.30
CA ASN A 148 15.38 24.11 0.01
C ASN A 148 15.28 24.82 1.33
N ILE A 149 16.43 25.11 1.94
CA ILE A 149 16.48 25.93 3.15
C ILE A 149 17.24 27.15 2.74
N LEU A 150 16.63 28.31 2.88
CA LEU A 150 17.22 29.53 2.40
C LEU A 150 17.43 30.49 3.54
N PHE A 151 18.54 31.24 3.48
CA PHE A 151 18.77 32.33 4.40
C PHE A 151 17.85 33.50 4.03
N VAL A 152 17.30 34.14 5.03
CA VAL A 152 16.56 35.33 4.84
C VAL A 152 17.51 36.39 4.27
N GLN A 153 18.71 36.45 4.81
CA GLN A 153 19.78 37.28 4.30
C GLN A 153 21.10 36.51 4.33
N SER A 154 21.78 36.44 3.20
CA SER A 154 23.02 35.66 3.11
C SER A 154 24.28 36.49 3.15
N ASP A 155 24.14 37.75 3.54
CA ASP A 155 25.31 38.59 3.67
C ASP A 155 26.31 37.96 4.66
N TYR A 156 27.59 38.22 4.43
CA TYR A 156 28.66 37.68 5.19
C TYR A 156 29.79 38.70 5.25
N THR A 157 30.67 38.56 6.24
CA THR A 157 31.95 39.26 6.26
C THR A 157 33.07 38.31 5.81
N GLU A 158 34.17 38.87 5.32
CA GLU A 158 35.19 38.11 4.67
C GLU A 158 36.53 38.52 5.19
N ALA A 159 37.28 37.59 5.74
CA ALA A 159 38.64 37.90 6.20
C ALA A 159 39.62 36.78 5.82
N TYR A 160 40.91 37.13 5.73
CA TYR A 160 41.96 36.13 5.61
C TYR A 160 42.03 35.39 6.94
N ASN A 161 42.05 34.07 6.88
CA ASN A 161 42.18 33.27 8.09
C ASN A 161 43.52 32.49 8.13
N PRO A 162 44.46 32.87 9.03
CA PRO A 162 45.74 32.13 9.09
C PRO A 162 45.58 30.62 9.26
N LYS A 163 44.84 30.19 10.28
CA LYS A 163 44.58 28.77 10.54
C LYS A 163 44.37 27.88 9.28
N ILE A 164 43.68 28.38 8.26
CA ILE A 164 43.39 27.58 7.06
C ILE A 164 44.01 28.18 5.78
N LYS A 165 44.95 29.11 5.94
CA LYS A 165 45.60 29.87 4.82
C LYS A 165 44.70 30.28 3.64
N ARG A 166 43.46 30.68 3.91
CA ARG A 166 42.52 31.06 2.85
C ARG A 166 41.53 32.14 3.33
N ASP A 167 41.00 32.89 2.38
CA ASP A 167 39.92 33.80 2.64
C ASP A 167 38.70 33.06 3.06
N GLU A 168 37.98 33.60 4.02
CA GLU A 168 36.83 32.90 4.51
C GLU A 168 35.66 33.82 4.78
N ARG A 169 34.49 33.35 4.44
CA ARG A 169 33.27 34.04 4.61
C ARG A 169 32.59 33.66 5.91
N THR A 170 32.24 34.67 6.72
CA THR A 170 31.43 34.46 7.93
C THR A 170 30.02 35.04 7.81
N LEU A 171 29.04 34.16 7.80
CA LEU A 171 27.67 34.52 7.77
C LEU A 171 27.33 35.49 8.88
N ILE A 172 26.60 36.55 8.52
CA ILE A 172 26.15 37.55 9.49
C ILE A 172 24.87 37.11 10.21
N ASN A 173 23.80 36.84 9.48
CA ASN A 173 22.54 36.44 10.11
C ASN A 173 22.14 35.08 9.64
N PRO A 174 22.01 34.14 10.56
CA PRO A 174 21.67 32.79 10.11
C PRO A 174 20.17 32.44 10.01
N ASP A 175 19.24 33.37 10.17
CA ASP A 175 17.82 33.10 10.03
C ASP A 175 17.49 32.46 8.69
N ILE A 176 16.58 31.47 8.72
CA ILE A 176 16.19 30.73 7.49
C ILE A 176 14.67 30.69 7.25
N LYS A 177 14.29 30.30 6.03
CA LYS A 177 12.95 29.88 5.68
C LYS A 177 13.00 28.60 4.88
N VAL A 178 11.93 27.82 4.97
CA VAL A 178 11.79 26.57 4.24
C VAL A 178 10.98 26.88 2.98
N VAL A 179 11.43 26.34 1.83
CA VAL A 179 10.74 26.48 0.54
C VAL A 179 10.47 25.12 -0.10
N ASP A 180 9.83 25.18 -1.28
CA ASP A 180 9.55 24.04 -2.14
C ASP A 180 8.55 23.02 -1.56
N PHE A 181 7.28 23.34 -1.71
CA PHE A 181 6.20 22.51 -1.22
C PHE A 181 5.53 21.74 -2.32
N GLY A 182 6.21 21.59 -3.45
CA GLY A 182 5.66 20.81 -4.56
C GLY A 182 5.60 19.32 -4.35
N SER A 183 6.29 18.79 -3.35
CA SER A 183 6.18 17.36 -3.05
C SER A 183 5.41 17.08 -1.78
N ALA A 184 5.05 18.14 -1.05
CA ALA A 184 4.43 18.02 0.25
C ALA A 184 3.12 17.26 0.12
N THR A 185 2.86 16.37 1.05
CA THR A 185 1.78 15.45 0.96
C THR A 185 1.00 15.43 2.27
N TYR A 186 -0.32 15.53 2.16
CA TYR A 186 -1.21 15.46 3.31
C TYR A 186 -1.35 14.02 3.76
N ASP A 187 -1.56 13.85 5.05
CA ASP A 187 -1.74 12.51 5.60
C ASP A 187 -2.74 11.68 4.80
N ASP A 188 -3.82 12.28 4.31
CA ASP A 188 -4.84 11.46 3.67
C ASP A 188 -4.69 11.31 2.13
N GLU A 189 -3.70 11.96 1.53
CA GLU A 189 -3.42 11.83 0.09
C GLU A 189 -2.58 10.61 -0.22
N HIS A 190 -2.50 10.28 -1.51
CA HIS A 190 -1.66 9.19 -2.03
C HIS A 190 -0.20 9.48 -1.76
N HIS A 191 0.45 8.50 -1.15
CA HIS A 191 1.87 8.54 -0.85
C HIS A 191 2.66 7.85 -2.00
N SER A 192 3.24 8.68 -2.84
CA SER A 192 4.14 8.19 -3.87
CA SER A 192 4.14 8.16 -3.88
C SER A 192 5.17 7.22 -3.27
N THR A 193 5.50 6.13 -3.98
CA THR A 193 6.45 5.19 -3.42
C THR A 193 7.86 5.80 -3.24
N LEU A 194 8.33 6.55 -4.23
CA LEU A 194 9.62 7.20 -4.16
C LEU A 194 9.51 8.67 -3.80
N VAL A 195 10.19 9.08 -2.72
CA VAL A 195 10.29 10.50 -2.35
C VAL A 195 11.69 10.87 -1.87
N SER A 196 11.89 12.18 -1.72
CA SER A 196 13.16 12.77 -1.30
C SER A 196 14.24 12.67 -2.38
N THR A 197 15.17 13.58 -2.29
CA THR A 197 16.39 13.57 -3.05
C THR A 197 17.25 12.58 -2.34
N ARG A 198 17.91 11.73 -3.12
CA ARG A 198 18.53 10.51 -2.65
C ARG A 198 19.33 10.68 -1.38
N HIS A 199 20.21 11.67 -1.33
CA HIS A 199 21.13 11.79 -0.22
C HIS A 199 20.39 12.06 1.08
N TYR A 200 19.11 12.50 0.99
CA TYR A 200 18.34 12.87 2.16
C TYR A 200 17.19 11.92 2.41
N ARG A 201 17.19 10.83 1.67
CA ARG A 201 16.11 9.89 1.67
C ARG A 201 16.23 8.90 2.82
N ALA A 202 15.13 8.74 3.54
CA ALA A 202 15.07 7.84 4.72
C ALA A 202 15.07 6.34 4.34
N PRO A 203 15.57 5.49 5.23
CA PRO A 203 15.66 4.08 4.92
C PRO A 203 14.28 3.40 4.65
N GLU A 204 13.21 3.87 5.32
CA GLU A 204 11.85 3.36 5.00
C GLU A 204 11.43 3.70 3.56
N VAL A 205 11.92 4.81 3.04
CA VAL A 205 11.61 5.20 1.67
C VAL A 205 12.38 4.31 0.68
N ILE A 206 13.68 4.18 0.88
CA ILE A 206 14.49 3.31 0.03
C ILE A 206 13.99 1.86 0.03
N LEU A 207 13.55 1.39 1.19
CA LEU A 207 13.00 0.07 1.31
C LEU A 207 11.51 -0.05 0.94
N ALA A 208 10.87 1.06 0.56
CA ALA A 208 9.48 1.05 0.12
C ALA A 208 8.57 0.46 1.17
N LEU A 209 8.79 0.85 2.43
CA LEU A 209 8.00 0.36 3.55
C LEU A 209 6.83 1.27 3.87
N GLY A 210 6.65 2.34 3.10
CA GLY A 210 5.68 3.37 3.44
C GLY A 210 6.35 4.41 4.30
N TRP A 211 5.83 5.62 4.27
CA TRP A 211 6.50 6.70 4.97
C TRP A 211 5.47 7.70 5.42
N SER A 212 5.90 8.64 6.25
CA SER A 212 5.00 9.59 6.82
C SER A 212 5.91 10.66 7.43
N GLN A 213 5.45 11.45 8.40
CA GLN A 213 6.28 12.57 8.92
C GLN A 213 7.74 12.20 9.30
N PRO A 214 7.97 11.01 9.88
CA PRO A 214 9.34 10.70 10.30
C PRO A 214 10.38 10.79 9.17
N CYS A 215 9.97 10.65 7.91
CA CYS A 215 10.96 10.69 6.84
C CYS A 215 11.58 12.06 6.74
N ASP A 216 10.82 13.10 7.09
CA ASP A 216 11.36 14.46 7.18
C ASP A 216 12.43 14.60 8.26
N VAL A 217 12.26 13.85 9.34
CA VAL A 217 13.21 13.99 10.46
C VAL A 217 14.53 13.42 10.04
N TRP A 218 14.49 12.30 9.32
CA TRP A 218 15.70 11.70 8.76
C TRP A 218 16.40 12.72 7.90
N SER A 219 15.66 13.34 6.99
CA SER A 219 16.26 14.32 6.08
C SER A 219 16.95 15.43 6.84
N ILE A 220 16.28 15.92 7.90
CA ILE A 220 16.86 16.99 8.72
C ILE A 220 18.19 16.56 9.40
N GLY A 221 18.26 15.32 9.91
CA GLY A 221 19.50 14.75 10.38
C GLY A 221 20.62 14.82 9.35
N CYS A 222 20.32 14.44 8.10
CA CYS A 222 21.32 14.49 7.05
C CYS A 222 21.75 15.91 6.78
N ILE A 223 20.82 16.84 6.80
CA ILE A 223 21.12 18.23 6.63
C ILE A 223 22.06 18.75 7.72
N LEU A 224 21.75 18.45 8.96
CA LEU A 224 22.57 18.98 10.04
C LEU A 224 24.01 18.49 9.96
N ILE A 225 24.18 17.24 9.61
CA ILE A 225 25.54 16.69 9.40
C ILE A 225 26.26 17.45 8.34
N GLU A 226 25.58 17.72 7.22
CA GLU A 226 26.23 18.53 6.12
C GLU A 226 26.58 19.90 6.52
N TYR A 227 25.72 20.54 7.27
CA TYR A 227 26.07 21.85 7.80
C TYR A 227 27.29 21.83 8.70
N TYR A 228 27.44 20.76 9.49
CA TYR A 228 28.56 20.59 10.40
C TYR A 228 29.86 20.25 9.67
N LEU A 229 29.78 19.43 8.64
CA LEU A 229 30.99 18.98 7.95
C LEU A 229 31.29 19.75 6.68
N GLY A 230 30.25 20.27 6.05
CA GLY A 230 30.40 20.96 4.80
C GLY A 230 30.21 20.07 3.58
N PHE A 231 29.86 18.80 3.78
CA PHE A 231 29.68 17.88 2.67
C PHE A 231 28.68 16.84 3.10
N THR A 232 28.05 16.13 2.17
CA THR A 232 27.10 15.03 2.59
C THR A 232 27.82 13.82 2.99
N VAL A 233 27.27 13.08 3.96
CA VAL A 233 27.93 11.79 4.27
C VAL A 233 27.41 10.64 3.43
N PHE A 234 26.39 10.90 2.60
CA PHE A 234 25.88 9.85 1.66
C PHE A 234 26.06 10.25 0.19
N PRO A 235 27.29 10.43 -0.26
CA PRO A 235 27.52 10.88 -1.62
C PRO A 235 27.44 9.67 -2.59
N THR A 236 26.25 9.30 -3.01
CA THR A 236 26.11 8.13 -3.86
C THR A 236 24.92 8.34 -4.75
N HIS A 237 24.87 7.59 -5.82
CA HIS A 237 23.73 7.63 -6.74
C HIS A 237 23.11 6.23 -6.85
N ASP A 238 23.35 5.37 -5.88
CA ASP A 238 22.92 4.01 -5.97
C ASP A 238 22.37 3.55 -4.64
N SER A 239 21.23 2.88 -4.66
CA SER A 239 20.49 2.63 -3.43
C SER A 239 21.19 1.64 -2.56
N LYS A 240 21.74 0.61 -3.18
CA LYS A 240 22.40 -0.43 -2.42
C LYS A 240 23.65 0.10 -1.71
N GLU A 241 24.45 0.87 -2.44
CA GLU A 241 25.63 1.51 -1.92
C GLU A 241 25.27 2.47 -0.80
N HIS A 242 24.20 3.21 -1.01
CA HIS A 242 23.69 4.08 0.00
C HIS A 242 23.39 3.29 1.29
N LEU A 243 22.74 2.15 1.17
CA LEU A 243 22.43 1.37 2.34
C LEU A 243 23.74 0.85 2.98
N ALA A 244 24.71 0.50 2.14
CA ALA A 244 26.01 0.08 2.68
C ALA A 244 26.67 1.23 3.44
N MET A 245 26.58 2.44 2.92
CA MET A 245 27.09 3.62 3.61
C MET A 245 26.40 3.82 4.94
N MET A 246 25.07 3.72 4.97
CA MET A 246 24.35 3.79 6.25
C MET A 246 24.87 2.77 7.26
N GLU A 247 25.07 1.57 6.79
CA GLU A 247 25.49 0.50 7.65
C GLU A 247 26.87 0.79 8.28
N ARG A 248 27.77 1.38 7.51
CA ARG A 248 29.08 1.72 8.03
C ARG A 248 28.99 2.84 9.06
N ILE A 249 28.10 3.78 8.84
CA ILE A 249 28.04 4.98 9.68
C ILE A 249 27.16 4.76 10.91
N LEU A 250 26.08 3.98 10.75
CA LEU A 250 25.08 3.86 11.78
C LEU A 250 24.89 2.43 12.31
N GLY A 251 25.61 1.46 11.76
CA GLY A 251 25.39 0.06 12.12
C GLY A 251 24.32 -0.63 11.27
N PRO A 252 24.10 -1.93 11.51
CA PRO A 252 23.19 -2.73 10.68
C PRO A 252 21.74 -2.30 10.75
N LEU A 253 21.06 -2.44 9.62
CA LEU A 253 19.64 -2.22 9.55
C LEU A 253 18.92 -3.19 10.47
N PRO A 254 17.77 -2.78 11.01
CA PRO A 254 16.96 -3.73 11.79
C PRO A 254 16.43 -4.90 10.93
N LYS A 255 16.52 -6.12 11.48
CA LYS A 255 15.96 -7.33 10.86
C LYS A 255 14.54 -7.17 10.39
N HIS A 256 13.68 -6.62 11.25
CA HIS A 256 12.26 -6.54 10.93
C HIS A 256 11.98 -5.64 9.71
N MET A 257 12.80 -4.63 9.49
CA MET A 257 12.67 -3.83 8.27
C MET A 257 13.18 -4.59 7.06
N ILE A 258 14.27 -5.30 7.22
CA ILE A 258 14.78 -6.12 6.12
C ILE A 258 13.76 -7.18 5.70
N GLN A 259 13.14 -7.83 6.68
CA GLN A 259 12.18 -8.87 6.37
C GLN A 259 10.91 -8.32 5.72
N LYS A 260 10.55 -7.10 6.07
CA LYS A 260 9.30 -6.51 5.62
C LYS A 260 9.37 -5.98 4.18
N THR A 261 10.55 -5.56 3.73
CA THR A 261 10.66 -4.86 2.44
C THR A 261 10.36 -5.72 1.21
N ARG A 262 9.79 -5.07 0.19
CA ARG A 262 9.56 -5.61 -1.15
C ARG A 262 10.76 -5.40 -2.10
N LYS A 263 11.84 -4.80 -1.63
CA LYS A 263 13.06 -4.66 -2.44
C LYS A 263 14.07 -5.75 -2.15
N ARG A 264 13.73 -6.95 -2.60
CA ARG A 264 14.55 -8.14 -2.34
C ARG A 264 15.94 -8.04 -2.93
N LYS A 265 16.05 -7.38 -4.07
CA LYS A 265 17.31 -7.30 -4.77
C LYS A 265 18.49 -6.77 -3.92
N TYR A 266 18.24 -6.07 -2.81
CA TYR A 266 19.33 -5.55 -1.98
C TYR A 266 19.86 -6.59 -1.01
N PHE A 267 19.13 -7.69 -0.83
CA PHE A 267 19.41 -8.55 0.30
C PHE A 267 19.65 -9.98 -0.09
N HIS A 268 20.39 -10.66 0.76
CA HIS A 268 20.50 -12.07 0.62
C HIS A 268 20.58 -12.65 2.00
N HIS A 269 19.68 -13.58 2.28
CA HIS A 269 19.47 -14.12 3.64
C HIS A 269 19.46 -13.07 4.70
N ASP A 270 18.66 -12.07 4.40
CA ASP A 270 18.36 -10.98 5.32
C ASP A 270 19.55 -10.11 5.73
N ARG A 271 20.60 -10.14 4.92
CA ARG A 271 21.74 -9.25 5.10
C ARG A 271 21.88 -8.51 3.81
N LEU A 272 22.44 -7.31 3.88
CA LEU A 272 22.68 -6.52 2.71
C LEU A 272 23.62 -7.27 1.82
N ASP A 273 23.31 -7.32 0.53
CA ASP A 273 24.09 -8.09 -0.44
C ASP A 273 25.19 -7.26 -1.09
N TRP A 274 26.28 -7.13 -0.36
CA TRP A 274 27.27 -6.09 -0.57
C TRP A 274 28.64 -6.66 -0.26
N ASP A 275 29.47 -6.85 -1.27
CA ASP A 275 30.83 -7.34 -1.03
C ASP A 275 31.75 -6.20 -0.55
N GLU A 276 32.08 -6.17 0.74
CA GLU A 276 32.88 -5.09 1.30
C GLU A 276 34.35 -5.11 0.83
N HIS A 277 34.77 -6.18 0.16
CA HIS A 277 36.11 -6.26 -0.43
C HIS A 277 36.11 -5.99 -1.94
N SER A 278 34.96 -5.62 -2.51
CA SER A 278 34.94 -5.13 -3.89
C SER A 278 35.54 -3.73 -4.02
N SER A 279 35.60 -3.24 -5.25
CA SER A 279 36.05 -1.89 -5.54
C SER A 279 35.23 -0.90 -4.73
N ALA A 280 33.92 -0.92 -4.97
CA ALA A 280 33.00 0.03 -4.30
C ALA A 280 32.94 -0.24 -2.80
N GLY A 281 33.17 -1.49 -2.42
CA GLY A 281 33.19 -1.86 -1.02
C GLY A 281 34.32 -1.21 -0.27
N ARG A 282 35.51 -1.25 -0.84
CA ARG A 282 36.67 -0.64 -0.20
C ARG A 282 36.52 0.85 -0.13
N TYR A 283 35.91 1.44 -1.16
CA TYR A 283 35.59 2.86 -1.08
C TYR A 283 34.68 3.18 0.09
N VAL A 284 33.62 2.38 0.25
CA VAL A 284 32.65 2.69 1.30
C VAL A 284 33.36 2.57 2.64
N SER A 285 34.20 1.56 2.83
CA SER A 285 35.00 1.41 4.08
C SER A 285 35.94 2.56 4.39
N ARG A 286 36.71 2.98 3.40
CA ARG A 286 37.70 3.96 3.68
C ARG A 286 37.13 5.34 3.79
N ALA A 287 36.02 5.64 3.10
CA ALA A 287 35.40 6.97 3.13
C ALA A 287 34.43 7.18 4.28
N CYS A 288 33.67 6.15 4.66
CA CYS A 288 32.60 6.30 5.66
C CYS A 288 33.18 5.76 6.92
N LYS A 289 32.60 6.17 8.04
CA LYS A 289 33.01 5.62 9.33
C LYS A 289 31.94 5.91 10.32
N PRO A 290 32.02 5.32 11.53
CA PRO A 290 30.92 5.50 12.44
C PRO A 290 30.65 6.97 12.71
N LEU A 291 29.36 7.29 12.81
CA LEU A 291 28.90 8.65 12.94
C LEU A 291 29.74 9.53 13.87
N LYS A 292 30.05 9.05 15.05
CA LYS A 292 30.71 9.92 16.03
C LYS A 292 32.15 10.20 15.67
N GLU A 293 32.75 9.39 14.80
CA GLU A 293 34.07 9.65 14.36
C GLU A 293 34.15 10.86 13.45
N PHE A 294 33.01 11.37 12.99
CA PHE A 294 32.98 12.62 12.25
C PHE A 294 33.09 13.89 13.10
N MET A 295 32.98 13.76 14.42
CA MET A 295 32.96 14.90 15.29
C MET A 295 34.30 15.58 15.19
N LEU A 296 34.30 16.90 15.12
CA LEU A 296 35.50 17.69 15.00
C LEU A 296 36.04 18.14 16.37
N SER A 297 35.28 17.88 17.42
CA SER A 297 35.66 18.23 18.80
C SER A 297 34.89 17.32 19.76
N GLN A 298 35.48 17.09 20.93
CA GLN A 298 34.80 16.36 22.00
C GLN A 298 34.06 17.27 22.99
N ASP A 299 34.09 18.57 22.77
CA ASP A 299 33.35 19.52 23.58
C ASP A 299 31.88 19.13 23.66
N VAL A 300 31.30 19.36 24.82
CA VAL A 300 29.96 18.87 25.09
C VAL A 300 28.93 19.39 24.10
N GLU A 301 29.14 20.58 23.57
CA GLU A 301 28.12 21.12 22.64
C GLU A 301 28.11 20.31 21.35
N HIS A 302 29.27 19.87 20.92
CA HIS A 302 29.36 19.00 19.78
C HIS A 302 28.72 17.68 20.10
N GLU A 303 28.92 17.17 21.32
CA GLU A 303 28.30 15.92 21.68
C GLU A 303 26.79 16.05 21.67
N ARG A 304 26.28 17.13 22.19
CA ARG A 304 24.85 17.32 22.19
C ARG A 304 24.31 17.34 20.78
N LEU A 305 24.97 18.03 19.87
CA LEU A 305 24.48 18.01 18.47
C LEU A 305 24.44 16.56 17.94
N PHE A 306 25.53 15.84 18.13
CA PHE A 306 25.62 14.49 17.59
C PHE A 306 24.62 13.52 18.25
N ASP A 307 24.29 13.74 19.51
CA ASP A 307 23.25 12.94 20.13
C ASP A 307 21.90 13.16 19.42
N LEU A 308 21.61 14.41 19.08
CA LEU A 308 20.38 14.75 18.34
C LEU A 308 20.35 14.16 16.94
N ILE A 309 21.46 14.31 16.21
CA ILE A 309 21.57 13.76 14.86
C ILE A 309 21.36 12.26 14.93
N GLN A 310 21.98 11.61 15.91
CA GLN A 310 21.88 10.18 16.03
C GLN A 310 20.44 9.75 16.22
N LYS A 311 19.69 10.51 17.02
CA LYS A 311 18.30 10.20 17.22
C LYS A 311 17.47 10.49 16.01
N MET A 312 17.84 11.49 15.21
CA MET A 312 17.16 11.75 13.96
C MET A 312 17.44 10.64 12.89
N LEU A 313 18.61 9.99 13.00
CA LEU A 313 19.01 8.97 12.07
C LEU A 313 18.79 7.55 12.64
N GLU A 314 17.81 7.43 13.52
CA GLU A 314 17.29 6.15 13.95
C GLU A 314 16.63 5.45 12.74
N TYR A 315 17.02 4.21 12.46
CA TYR A 315 16.50 3.51 11.29
C TYR A 315 14.98 3.32 11.28
N ASP A 316 14.44 2.90 12.42
CA ASP A 316 13.05 2.54 12.55
C ASP A 316 12.24 3.83 12.72
N PRO A 317 11.41 4.17 11.73
CA PRO A 317 10.70 5.45 11.84
C PRO A 317 9.76 5.51 13.04
N ALA A 318 9.28 4.36 13.49
CA ALA A 318 8.41 4.32 14.63
C ALA A 318 9.15 4.74 15.88
N LYS A 319 10.47 4.63 15.88
CA LYS A 319 11.28 4.95 17.05
C LYS A 319 12.02 6.25 16.92
N ARG A 320 12.04 6.81 15.72
CA ARG A 320 12.80 8.02 15.43
C ARG A 320 12.20 9.18 16.21
N ILE A 321 13.07 10.03 16.71
CA ILE A 321 12.62 11.19 17.45
C ILE A 321 11.68 12.04 16.57
N THR A 322 10.66 12.63 17.18
CA THR A 322 9.76 13.56 16.47
C THR A 322 10.34 14.95 16.62
N LEU A 323 9.85 15.88 15.83
CA LEU A 323 10.38 17.27 15.88
C LEU A 323 9.90 18.00 17.13
N ARG A 324 8.72 17.64 17.59
CA ARG A 324 8.22 18.13 18.91
C ARG A 324 9.18 17.82 20.08
N GLU A 325 9.70 16.60 20.11
CA GLU A 325 10.74 16.18 21.08
C GLU A 325 12.07 16.83 20.76
N ALA A 326 12.41 16.93 19.47
CA ALA A 326 13.71 17.47 19.08
C ALA A 326 13.84 18.91 19.56
N LEU A 327 12.75 19.66 19.55
CA LEU A 327 12.81 21.06 19.96
C LEU A 327 13.14 21.24 21.46
N LYS A 328 12.99 20.18 22.25
CA LYS A 328 13.37 20.21 23.68
C LYS A 328 14.75 19.61 23.95
N HIS A 329 15.47 19.20 22.91
CA HIS A 329 16.74 18.53 23.12
C HIS A 329 17.75 19.51 23.72
N PRO A 330 18.67 19.02 24.58
CA PRO A 330 19.72 19.85 25.22
C PRO A 330 20.60 20.69 24.30
N PHE A 331 20.77 20.23 23.07
CA PHE A 331 21.49 21.03 22.08
C PHE A 331 20.93 22.43 21.95
N PHE A 332 19.62 22.56 22.10
CA PHE A 332 18.98 23.87 22.01
C PHE A 332 18.92 24.69 23.33
N ASP A 333 19.44 24.14 24.42
CA ASP A 333 19.32 24.83 25.73
C ASP A 333 19.95 26.23 25.67
N LEU A 334 21.06 26.36 24.96
CA LEU A 334 21.73 27.66 24.86
C LEU A 334 20.88 28.72 24.21
N LEU A 335 19.91 28.36 23.37
CA LEU A 335 18.99 29.38 22.80
C LEU A 335 17.95 29.90 23.77
N LYS A 336 17.74 29.23 24.90
CA LYS A 336 16.65 29.59 25.80
C LYS A 336 17.18 30.50 26.91
N LYS A 337 16.46 31.56 27.21
CA LYS A 337 16.87 32.51 28.30
C LYS A 337 16.64 31.84 29.66
N SER B 1 12.66 -21.86 7.75
CA SER B 1 12.15 -23.20 8.15
C SER B 1 11.32 -23.90 7.05
N MET B 2 11.30 -23.39 5.81
CA MET B 2 10.52 -24.06 4.74
C MET B 2 11.00 -25.51 4.42
N HIS B 3 12.29 -25.66 4.22
CA HIS B 3 12.94 -26.97 4.13
C HIS B 3 12.42 -27.98 5.19
N LEU B 4 12.08 -27.49 6.38
CA LEU B 4 11.59 -28.34 7.44
C LEU B 4 10.15 -28.80 7.32
N ILE B 5 9.37 -28.24 6.41
CA ILE B 5 7.95 -28.62 6.28
C ILE B 5 7.51 -29.08 4.88
N CYS B 6 8.43 -29.21 3.93
CA CYS B 6 8.03 -29.44 2.54
C CYS B 6 8.65 -30.70 2.01
N GLN B 7 9.07 -31.65 2.89
CA GLN B 7 9.72 -32.92 2.47
C GLN B 7 8.75 -34.04 2.04
N SER B 8 9.20 -34.90 1.12
CA SER B 8 8.44 -36.09 0.67
C SER B 8 7.97 -36.87 1.84
N GLY B 9 6.69 -37.22 1.86
CA GLY B 9 6.15 -37.97 2.98
C GLY B 9 5.53 -37.11 4.07
N ASP B 10 5.82 -35.81 4.12
CA ASP B 10 5.16 -34.98 5.15
C ASP B 10 3.68 -34.91 4.82
N VAL B 11 2.87 -34.77 5.86
CA VAL B 11 1.45 -34.60 5.68
C VAL B 11 1.03 -33.20 6.08
N LEU B 12 0.34 -32.49 5.20
CA LEU B 12 -0.15 -31.15 5.46
C LEU B 12 -1.64 -31.18 5.77
N SER B 13 -2.01 -30.49 6.85
CA SER B 13 -3.41 -30.26 7.22
C SER B 13 -4.13 -31.57 7.42
N ALA B 14 -3.41 -32.57 7.91
CA ALA B 14 -3.98 -33.89 8.17
C ALA B 14 -4.61 -34.57 6.94
N ARG B 15 -4.10 -34.23 5.78
CA ARG B 15 -4.78 -34.57 4.57
C ARG B 15 -3.89 -34.78 3.34
N TYR B 16 -2.97 -33.86 3.09
CA TYR B 16 -2.20 -33.83 1.86
C TYR B 16 -0.81 -34.40 2.12
N GLU B 17 -0.49 -35.51 1.49
CA GLU B 17 0.79 -36.14 1.62
C GLU B 17 1.71 -35.72 0.51
N ILE B 18 2.85 -35.14 0.84
CA ILE B 18 3.74 -34.61 -0.18
C ILE B 18 4.41 -35.80 -0.89
N VAL B 19 4.36 -35.77 -2.21
CA VAL B 19 5.01 -36.76 -3.06
C VAL B 19 6.35 -36.19 -3.52
N ASP B 20 6.37 -35.00 -4.09
CA ASP B 20 7.60 -34.45 -4.64
C ASP B 20 7.45 -32.96 -4.96
N THR B 21 8.55 -32.29 -5.24
CA THR B 21 8.55 -30.91 -5.56
C THR B 21 8.31 -30.70 -7.08
N LEU B 22 7.35 -29.85 -7.42
CA LEU B 22 7.06 -29.49 -8.80
C LEU B 22 7.86 -28.27 -9.28
N GLY B 23 8.12 -27.33 -8.41
CA GLY B 23 8.83 -26.13 -8.72
C GLY B 23 9.09 -25.28 -7.50
N GLU B 24 10.05 -24.38 -7.63
CA GLU B 24 10.54 -23.59 -6.53
C GLU B 24 10.72 -22.21 -7.03
N GLY B 25 10.69 -21.26 -6.12
CA GLY B 25 10.71 -19.85 -6.44
C GLY B 25 11.04 -19.04 -5.21
N ALA B 26 11.03 -17.73 -5.39
CA ALA B 26 11.40 -16.82 -4.30
C ALA B 26 10.22 -16.87 -3.34
N PHE B 27 9.04 -17.05 -3.92
CA PHE B 27 7.84 -17.19 -3.14
C PHE B 27 7.80 -18.38 -2.19
N GLY B 28 8.52 -19.45 -2.52
CA GLY B 28 8.44 -20.74 -1.81
C GLY B 28 8.43 -21.91 -2.83
N LYS B 29 7.55 -22.91 -2.70
CA LYS B 29 7.54 -23.98 -3.67
C LYS B 29 6.20 -24.56 -3.93
N VAL B 30 6.10 -25.35 -5.00
CA VAL B 30 4.93 -26.03 -5.34
C VAL B 30 5.23 -27.50 -5.29
N VAL B 31 4.42 -28.24 -4.55
CA VAL B 31 4.62 -29.67 -4.37
C VAL B 31 3.43 -30.42 -4.87
N GLU B 32 3.66 -31.64 -5.34
CA GLU B 32 2.55 -32.54 -5.67
C GLU B 32 2.23 -33.28 -4.41
N CYS B 33 0.94 -33.43 -4.13
CA CYS B 33 0.49 -34.16 -2.97
C CYS B 33 -0.60 -35.17 -3.34
N ILE B 34 -0.68 -36.19 -2.54
CA ILE B 34 -1.85 -37.08 -2.51
C ILE B 34 -2.88 -36.54 -1.50
N ASP B 35 -4.06 -36.23 -1.95
CA ASP B 35 -5.14 -35.78 -1.07
C ASP B 35 -5.89 -36.94 -0.53
N HIS B 36 -5.57 -37.32 0.71
CA HIS B 36 -6.15 -38.48 1.32
C HIS B 36 -7.62 -38.33 1.72
N LYS B 37 -8.18 -37.14 1.70
CA LYS B 37 -9.61 -37.00 1.91
C LYS B 37 -10.40 -36.81 0.63
N ALA B 38 -9.75 -36.81 -0.50
CA ALA B 38 -10.46 -36.82 -1.77
C ALA B 38 -10.11 -38.08 -2.56
N GLY B 39 -9.99 -39.18 -1.86
CA GLY B 39 -9.83 -40.49 -2.45
C GLY B 39 -8.51 -40.78 -3.03
N GLY B 40 -7.50 -39.98 -2.69
CA GLY B 40 -6.17 -40.23 -3.19
C GLY B 40 -5.81 -39.46 -4.41
N ARG B 41 -6.71 -38.57 -4.83
CA ARG B 41 -6.41 -37.73 -5.94
C ARG B 41 -5.17 -36.86 -5.76
N HIS B 42 -4.37 -36.71 -6.81
CA HIS B 42 -3.18 -35.86 -6.74
C HIS B 42 -3.50 -34.42 -7.01
N VAL B 43 -2.89 -33.52 -6.23
CA VAL B 43 -3.08 -32.11 -6.35
C VAL B 43 -1.74 -31.38 -6.28
N ALA B 44 -1.75 -30.09 -6.56
CA ALA B 44 -0.55 -29.26 -6.43
C ALA B 44 -0.79 -28.34 -5.26
N VAL B 45 0.19 -28.22 -4.38
CA VAL B 45 0.04 -27.32 -3.22
C VAL B 45 1.20 -26.31 -3.30
N LYS B 46 0.83 -25.05 -3.32
CA LYS B 46 1.80 -23.98 -3.28
C LYS B 46 2.03 -23.57 -1.83
N ILE B 47 3.24 -23.78 -1.34
CA ILE B 47 3.63 -23.45 -0.03
C ILE B 47 4.39 -22.15 -0.04
N VAL B 48 3.84 -21.15 0.63
CA VAL B 48 4.38 -19.81 0.56
C VAL B 48 5.32 -19.51 1.69
N LYS B 49 6.44 -18.91 1.36
CA LYS B 49 7.37 -18.48 2.39
C LYS B 49 6.67 -17.62 3.42
N ASN B 50 7.12 -17.72 4.64
CA ASN B 50 6.52 -16.93 5.69
C ASN B 50 7.21 -15.53 5.78
N VAL B 51 7.03 -14.74 4.75
CA VAL B 51 7.70 -13.46 4.59
C VAL B 51 6.62 -12.55 4.08
N ASP B 52 6.51 -11.37 4.66
CA ASP B 52 5.36 -10.48 4.42
C ASP B 52 5.02 -10.32 3.01
N ARG B 53 6.01 -10.00 2.21
CA ARG B 53 5.74 -9.70 0.84
C ARG B 53 5.07 -10.88 0.13
N TYR B 54 5.45 -12.11 0.47
CA TYR B 54 4.90 -13.27 -0.18
C TYR B 54 3.58 -13.69 0.41
N CYS B 55 3.41 -13.54 1.71
CA CYS B 55 2.08 -13.71 2.34
C CYS B 55 1.02 -12.78 1.78
N GLU B 56 1.36 -11.51 1.57
CA GLU B 56 0.41 -10.57 0.96
C GLU B 56 0.09 -10.94 -0.46
N ALA B 57 1.10 -11.31 -1.24
CA ALA B 57 0.85 -11.75 -2.61
C ALA B 57 -0.05 -13.00 -2.66
N ALA B 58 0.16 -13.93 -1.75
CA ALA B 58 -0.66 -15.14 -1.67
C ALA B 58 -2.13 -14.84 -1.32
N ARG B 59 -2.32 -13.96 -0.37
CA ARG B 59 -3.64 -13.49 -0.02
C ARG B 59 -4.31 -12.83 -1.21
N SER B 60 -3.57 -12.04 -1.94
CA SER B 60 -4.11 -11.40 -3.16
C SER B 60 -4.47 -12.44 -4.20
N GLU B 61 -3.61 -13.45 -4.37
CA GLU B 61 -3.85 -14.48 -5.34
C GLU B 61 -5.13 -15.22 -5.04
N ILE B 62 -5.37 -15.47 -3.77
CA ILE B 62 -6.56 -16.18 -3.37
C ILE B 62 -7.80 -15.35 -3.76
N GLN B 63 -7.75 -14.06 -3.57
CA GLN B 63 -8.90 -13.21 -3.93
C GLN B 63 -9.13 -13.20 -5.44
N VAL B 64 -8.05 -13.09 -6.19
CA VAL B 64 -8.17 -13.10 -7.65
C VAL B 64 -8.75 -14.43 -8.17
N LEU B 65 -8.29 -15.53 -7.64
CA LEU B 65 -8.79 -16.84 -8.06
C LEU B 65 -10.26 -17.06 -7.67
N GLU B 66 -10.68 -16.60 -6.50
CA GLU B 66 -12.07 -16.77 -6.09
C GLU B 66 -12.97 -16.10 -7.11
N HIS B 67 -12.51 -14.95 -7.58
CA HIS B 67 -13.22 -14.19 -8.57
C HIS B 67 -13.25 -14.92 -9.95
N LEU B 68 -12.07 -15.29 -10.46
CA LEU B 68 -11.94 -15.95 -11.76
C LEU B 68 -12.64 -17.29 -11.81
N ASN B 69 -12.41 -18.15 -10.82
CA ASN B 69 -13.07 -19.45 -10.77
C ASN B 69 -14.58 -19.38 -10.57
N THR B 70 -15.05 -18.34 -9.89
CA THR B 70 -16.49 -18.12 -9.80
C THR B 70 -17.08 -17.62 -11.12
N THR B 71 -16.39 -16.72 -11.80
CA THR B 71 -16.89 -16.16 -13.08
C THR B 71 -16.84 -17.20 -14.18
N ASP B 72 -15.83 -18.05 -14.15
CA ASP B 72 -15.60 -19.05 -15.18
C ASP B 72 -15.40 -20.42 -14.49
N PRO B 73 -16.48 -20.97 -13.92
CA PRO B 73 -16.36 -22.24 -13.18
C PRO B 73 -15.90 -23.43 -14.01
N ASN B 74 -16.14 -23.41 -15.32
CA ASN B 74 -15.67 -24.49 -16.18
C ASN B 74 -14.30 -24.27 -16.74
N SER B 75 -13.64 -23.19 -16.35
CA SER B 75 -12.33 -22.92 -16.87
C SER B 75 -12.29 -22.86 -18.42
N THR B 76 -13.36 -22.37 -19.01
CA THR B 76 -13.37 -22.06 -20.43
C THR B 76 -12.21 -21.17 -20.85
N PHE B 77 -11.79 -20.25 -19.99
CA PHE B 77 -10.76 -19.33 -20.33
C PHE B 77 -9.42 -19.74 -19.69
N ARG B 78 -9.36 -20.98 -19.21
CA ARG B 78 -8.05 -21.64 -18.96
C ARG B 78 -7.18 -21.07 -17.85
N CYS B 79 -7.82 -20.49 -16.85
CA CYS B 79 -7.15 -20.17 -15.61
C CYS B 79 -7.21 -21.34 -14.68
N VAL B 80 -6.10 -21.60 -14.02
CA VAL B 80 -6.01 -22.73 -13.07
C VAL B 80 -7.10 -22.64 -12.01
N GLN B 81 -7.61 -23.80 -11.60
CA GLN B 81 -8.61 -23.92 -10.53
C GLN B 81 -7.94 -24.04 -9.15
N MET B 82 -8.29 -23.13 -8.27
CA MET B 82 -7.94 -23.23 -6.87
C MET B 82 -8.97 -24.08 -6.15
N LEU B 83 -8.52 -25.09 -5.42
CA LEU B 83 -9.42 -25.94 -4.69
C LEU B 83 -9.66 -25.47 -3.26
N GLU B 84 -8.63 -25.01 -2.57
CA GLU B 84 -8.79 -24.46 -1.21
C GLU B 84 -7.47 -23.86 -0.77
N TRP B 85 -7.45 -23.30 0.41
CA TRP B 85 -6.23 -22.90 1.02
C TRP B 85 -6.23 -23.17 2.54
N PHE B 86 -5.07 -23.20 3.18
CA PHE B 86 -5.00 -23.43 4.62
C PHE B 86 -3.63 -22.94 5.09
N GLU B 87 -3.40 -22.99 6.38
CA GLU B 87 -2.12 -22.69 7.02
C GLU B 87 -1.53 -23.91 7.62
N HIS B 88 -0.22 -24.00 7.49
CA HIS B 88 0.56 -25.09 8.02
C HIS B 88 1.83 -24.53 8.56
N HIS B 89 2.01 -24.65 9.89
CA HIS B 89 3.11 -24.02 10.56
C HIS B 89 3.33 -22.61 10.02
N GLY B 90 2.25 -21.80 9.98
CA GLY B 90 2.38 -20.37 9.73
C GLY B 90 2.73 -20.05 8.30
N HIS B 91 2.60 -21.06 7.42
CA HIS B 91 2.75 -20.84 6.02
C HIS B 91 1.41 -20.98 5.36
N ILE B 92 1.09 -20.04 4.48
CA ILE B 92 -0.08 -20.17 3.62
C ILE B 92 0.18 -21.21 2.57
N CYS B 93 -0.76 -22.12 2.42
CA CYS B 93 -0.68 -23.13 1.41
C CYS B 93 -1.95 -23.02 0.56
N ILE B 94 -1.80 -23.03 -0.76
CA ILE B 94 -2.94 -22.97 -1.66
C ILE B 94 -2.93 -24.21 -2.49
N VAL B 95 -4.07 -24.89 -2.53
CA VAL B 95 -4.24 -26.14 -3.18
C VAL B 95 -4.86 -25.85 -4.56
N PHE B 96 -4.28 -26.42 -5.60
CA PHE B 96 -4.70 -26.27 -6.97
C PHE B 96 -4.84 -27.63 -7.64
N GLU B 97 -5.62 -27.68 -8.73
CA GLU B 97 -5.67 -28.86 -9.58
C GLU B 97 -4.26 -29.12 -10.02
N LEU B 98 -3.93 -30.40 -10.17
CA LEU B 98 -2.61 -30.77 -10.66
C LEU B 98 -2.59 -30.77 -12.23
N LEU B 99 -1.67 -30.03 -12.80
CA LEU B 99 -1.47 -30.00 -14.23
C LEU B 99 -0.14 -30.70 -14.58
N GLY B 100 0.24 -30.66 -15.85
CA GLY B 100 1.55 -31.19 -16.29
C GLY B 100 2.63 -30.14 -16.14
N LEU B 101 3.77 -30.40 -16.74
CA LEU B 101 4.90 -29.50 -16.68
C LEU B 101 4.58 -28.09 -17.18
N SER B 102 5.28 -27.11 -16.63
CA SER B 102 5.28 -25.83 -17.20
C SER B 102 5.93 -25.89 -18.59
N THR B 103 5.57 -24.92 -19.42
CA THR B 103 6.12 -24.91 -20.79
C THR B 103 7.58 -24.70 -20.71
N TYR B 104 8.02 -23.97 -19.70
CA TYR B 104 9.46 -23.79 -19.52
C TYR B 104 10.14 -25.13 -19.26
N ASP B 105 9.59 -25.89 -18.31
CA ASP B 105 10.27 -27.14 -17.89
C ASP B 105 10.22 -28.16 -19.03
N PHE B 106 9.16 -28.13 -19.84
CA PHE B 106 9.09 -29.01 -21.01
C PHE B 106 10.22 -28.70 -22.00
N ILE B 107 10.41 -27.42 -22.29
CA ILE B 107 11.51 -27.00 -23.14
C ILE B 107 12.83 -27.44 -22.55
N LYS B 108 13.02 -27.17 -21.28
CA LYS B 108 14.28 -27.50 -20.62
C LYS B 108 14.58 -28.98 -20.69
N GLU B 109 13.57 -29.79 -20.42
CA GLU B 109 13.77 -31.22 -20.42
C GLU B 109 13.92 -31.77 -21.84
N ASN B 110 13.50 -31.01 -22.87
CA ASN B 110 13.73 -31.40 -24.26
C ASN B 110 15.01 -30.77 -24.81
N GLY B 111 15.95 -30.43 -23.93
CA GLY B 111 17.27 -29.92 -24.37
C GLY B 111 17.19 -28.52 -24.99
N PHE B 112 16.20 -27.73 -24.57
CA PHE B 112 16.03 -26.36 -25.07
C PHE B 112 15.76 -26.32 -26.55
N LEU B 113 15.04 -27.30 -27.05
CA LEU B 113 14.54 -27.28 -28.40
C LEU B 113 13.18 -26.57 -28.43
N PRO B 114 12.91 -25.87 -29.54
CA PRO B 114 11.68 -25.07 -29.58
C PRO B 114 10.47 -25.96 -29.81
N PHE B 115 9.28 -25.42 -29.63
CA PHE B 115 8.07 -26.09 -30.04
C PHE B 115 7.86 -25.97 -31.57
N ARG B 116 7.17 -26.96 -32.12
CA ARG B 116 6.77 -26.97 -33.53
C ARG B 116 5.73 -25.87 -33.72
N LEU B 117 5.72 -25.27 -34.91
CA LEU B 117 4.91 -24.09 -35.19
C LEU B 117 3.42 -24.32 -35.00
N ASP B 118 2.91 -25.47 -35.37
CA ASP B 118 1.48 -25.75 -35.17
C ASP B 118 1.10 -25.79 -33.69
N HIS B 119 1.99 -26.29 -32.85
CA HIS B 119 1.75 -26.22 -31.40
C HIS B 119 1.82 -24.81 -30.87
N ILE B 120 2.81 -24.04 -31.34
CA ILE B 120 2.94 -22.70 -30.93
C ILE B 120 1.63 -21.95 -31.29
N ARG B 121 1.08 -22.21 -32.46
CA ARG B 121 -0.16 -21.54 -32.86
C ARG B 121 -1.30 -21.83 -31.88
N LYS B 122 -1.50 -23.08 -31.50
CA LYS B 122 -2.57 -23.40 -30.54
C LYS B 122 -2.28 -22.87 -29.15
N MET B 123 -1.03 -22.95 -28.72
CA MET B 123 -0.72 -22.46 -27.40
C MET B 123 -0.92 -20.96 -27.34
N ALA B 124 -0.46 -20.26 -28.36
CA ALA B 124 -0.54 -18.81 -28.43
C ALA B 124 -2.01 -18.39 -28.44
N TYR B 125 -2.83 -19.09 -29.16
CA TYR B 125 -4.24 -18.75 -29.18
C TYR B 125 -4.84 -18.87 -27.77
N GLN B 126 -4.56 -19.97 -27.10
CA GLN B 126 -5.09 -20.20 -25.78
C GLN B 126 -4.55 -19.22 -24.77
N ILE B 127 -3.27 -18.87 -24.86
CA ILE B 127 -2.72 -17.85 -23.97
C ILE B 127 -3.42 -16.50 -24.17
N CYS B 128 -3.59 -16.12 -25.42
CA CYS B 128 -4.21 -14.86 -25.75
C CYS B 128 -5.65 -14.83 -25.28
N LYS B 129 -6.36 -15.94 -25.46
CA LYS B 129 -7.74 -16.01 -25.01
C LYS B 129 -7.86 -15.92 -23.51
N SER B 130 -6.97 -16.62 -22.79
CA SER B 130 -7.02 -16.67 -21.37
C SER B 130 -6.72 -15.31 -20.77
N VAL B 131 -5.66 -14.66 -21.26
CA VAL B 131 -5.24 -13.37 -20.72
C VAL B 131 -6.22 -12.28 -21.14
N ASN B 132 -6.79 -12.38 -22.34
CA ASN B 132 -7.83 -11.46 -22.73
C ASN B 132 -9.05 -11.51 -21.79
N PHE B 133 -9.37 -12.70 -21.31
CA PHE B 133 -10.38 -12.85 -20.28
C PHE B 133 -10.04 -12.08 -19.01
N LEU B 134 -8.79 -12.13 -18.59
CA LEU B 134 -8.36 -11.29 -17.48
C LEU B 134 -8.57 -9.86 -17.83
N HIS B 135 -8.09 -9.47 -19.01
CA HIS B 135 -8.25 -8.10 -19.45
C HIS B 135 -9.69 -7.64 -19.55
N SER B 136 -10.61 -8.55 -19.79
CA SER B 136 -12.01 -8.18 -19.81
C SER B 136 -12.59 -8.04 -18.44
N ASN B 137 -11.89 -8.51 -17.42
CA ASN B 137 -12.38 -8.45 -16.06
C ASN B 137 -11.53 -7.51 -15.24
N LYS B 138 -11.01 -6.49 -15.89
CA LYS B 138 -10.27 -5.41 -15.25
C LYS B 138 -9.00 -5.84 -14.52
N LEU B 139 -8.34 -6.86 -15.04
CA LEU B 139 -7.11 -7.34 -14.48
C LEU B 139 -5.96 -7.27 -15.46
N THR B 140 -4.77 -7.11 -14.90
CA THR B 140 -3.52 -7.31 -15.57
C THR B 140 -2.73 -8.36 -14.77
N HIS B 141 -2.20 -9.36 -15.45
CA HIS B 141 -1.43 -10.47 -14.81
C HIS B 141 -0.09 -9.98 -14.30
N THR B 142 0.64 -9.29 -15.19
CA THR B 142 1.92 -8.65 -14.93
C THR B 142 3.13 -9.60 -14.87
N ASP B 143 2.89 -10.88 -14.73
CA ASP B 143 4.02 -11.82 -14.61
C ASP B 143 3.91 -13.00 -15.52
N LEU B 144 3.57 -12.74 -16.78
CA LEU B 144 3.43 -13.85 -17.69
C LEU B 144 4.84 -14.25 -18.12
N LYS B 145 5.05 -15.56 -18.18
CA LYS B 145 6.35 -16.15 -18.60
C LYS B 145 6.13 -17.65 -18.75
N PRO B 146 7.05 -18.36 -19.39
CA PRO B 146 6.80 -19.77 -19.70
C PRO B 146 6.66 -20.68 -18.46
N GLU B 147 7.28 -20.29 -17.36
CA GLU B 147 7.07 -20.99 -16.10
C GLU B 147 5.66 -20.92 -15.58
N ASN B 148 4.91 -19.87 -15.98
CA ASN B 148 3.53 -19.70 -15.53
C ASN B 148 2.48 -20.13 -16.50
N ILE B 149 2.89 -20.79 -17.59
CA ILE B 149 1.99 -21.36 -18.52
C ILE B 149 2.28 -22.83 -18.37
N LEU B 150 1.24 -23.61 -18.12
CA LEU B 150 1.42 -25.06 -17.89
C LEU B 150 0.60 -25.87 -18.86
N PHE B 151 1.14 -27.01 -19.32
CA PHE B 151 0.37 -27.92 -20.08
C PHE B 151 -0.61 -28.65 -19.16
N VAL B 152 -1.81 -28.85 -19.65
CA VAL B 152 -2.79 -29.62 -18.94
C VAL B 152 -2.30 -31.07 -18.82
N GLN B 153 -1.72 -31.57 -19.91
CA GLN B 153 -1.02 -32.83 -19.95
C GLN B 153 0.30 -32.70 -20.74
N SER B 154 1.42 -33.04 -20.12
CA SER B 154 2.72 -32.86 -20.80
C SER B 154 3.25 -34.12 -21.42
N ASP B 155 2.41 -35.15 -21.51
CA ASP B 155 2.84 -36.42 -22.17
C ASP B 155 3.29 -36.16 -23.60
N TYR B 156 4.26 -36.95 -24.03
CA TYR B 156 4.93 -36.76 -25.29
C TYR B 156 5.32 -38.10 -25.89
N THR B 157 5.51 -38.12 -27.21
CA THR B 157 6.20 -39.23 -27.91
C THR B 157 7.66 -38.81 -28.22
N GLU B 158 8.55 -39.79 -28.39
CA GLU B 158 9.98 -39.53 -28.48
C GLU B 158 10.58 -40.29 -29.64
N ALA B 159 11.22 -39.57 -30.58
CA ALA B 159 11.88 -40.23 -31.74
C ALA B 159 13.25 -39.62 -32.02
N TYR B 160 14.13 -40.42 -32.65
CA TYR B 160 15.38 -39.88 -33.16
C TYR B 160 15.06 -38.97 -34.35
N ASN B 161 15.66 -37.79 -34.39
CA ASN B 161 15.48 -36.91 -35.53
C ASN B 161 16.79 -36.74 -36.32
N PRO B 162 16.85 -37.26 -37.58
CA PRO B 162 18.08 -37.09 -38.37
C PRO B 162 18.54 -35.62 -38.53
N LYS B 163 17.66 -34.77 -39.05
CA LYS B 163 17.99 -33.34 -39.27
C LYS B 163 18.76 -32.66 -38.12
N ILE B 164 18.55 -33.04 -36.86
CA ILE B 164 19.29 -32.43 -35.73
C ILE B 164 20.16 -33.42 -34.93
N LYS B 165 20.40 -34.60 -35.50
CA LYS B 165 21.13 -35.71 -34.84
C LYS B 165 20.88 -35.93 -33.34
N ARG B 166 19.63 -35.78 -32.88
CA ARG B 166 19.31 -35.94 -31.45
C ARG B 166 17.89 -36.50 -31.25
N ASP B 167 17.68 -37.17 -30.10
CA ASP B 167 16.34 -37.60 -29.66
C ASP B 167 15.46 -36.41 -29.34
N GLU B 168 14.20 -36.50 -29.70
CA GLU B 168 13.34 -35.36 -29.61
C GLU B 168 11.98 -35.77 -29.16
N ARG B 169 11.46 -34.97 -28.23
CA ARG B 169 10.18 -35.19 -27.64
C ARG B 169 9.14 -34.38 -28.38
N THR B 170 8.04 -35.02 -28.76
CA THR B 170 6.91 -34.33 -29.37
C THR B 170 5.71 -34.40 -28.47
N LEU B 171 5.30 -33.27 -28.03
CA LEU B 171 4.11 -33.12 -27.26
C LEU B 171 2.86 -33.74 -27.94
N ILE B 172 2.09 -34.50 -27.18
CA ILE B 172 0.83 -35.08 -27.65
C ILE B 172 -0.33 -34.09 -27.66
N ASN B 173 -0.60 -33.44 -26.50
CA ASN B 173 -1.62 -32.44 -26.43
C ASN B 173 -1.07 -31.08 -25.96
N PRO B 174 -1.13 -30.06 -26.83
CA PRO B 174 -0.54 -28.80 -26.42
C PRO B 174 -1.44 -27.86 -25.55
N ASP B 175 -2.62 -28.29 -25.13
CA ASP B 175 -3.50 -27.46 -24.31
C ASP B 175 -2.82 -26.90 -23.07
N ILE B 176 -3.08 -25.65 -22.74
CA ILE B 176 -2.44 -25.00 -21.58
C ILE B 176 -3.44 -24.37 -20.60
N LYS B 177 -2.94 -24.00 -19.43
CA LYS B 177 -3.61 -23.14 -18.46
C LYS B 177 -2.62 -22.12 -17.95
N VAL B 178 -3.14 -20.99 -17.54
CA VAL B 178 -2.31 -19.88 -17.01
C VAL B 178 -2.43 -19.97 -15.48
N VAL B 179 -1.31 -19.80 -14.81
CA VAL B 179 -1.24 -19.84 -13.33
C VAL B 179 -0.56 -18.60 -12.80
N ASP B 180 -0.46 -18.55 -11.46
CA ASP B 180 0.25 -17.54 -10.70
C ASP B 180 -0.37 -16.14 -10.82
N PHE B 181 -1.35 -15.91 -9.99
CA PHE B 181 -2.05 -14.67 -9.93
C PHE B 181 -1.68 -13.86 -8.71
N GLY B 182 -0.50 -14.12 -8.17
CA GLY B 182 0.01 -13.36 -7.02
C GLY B 182 0.49 -11.97 -7.33
N SER B 183 0.66 -11.60 -8.59
CA SER B 183 0.95 -10.21 -8.94
C SER B 183 -0.17 -9.50 -9.70
N ALA B 184 -1.23 -10.22 -9.99
CA ALA B 184 -2.31 -9.69 -10.79
C ALA B 184 -2.94 -8.53 -10.09
N THR B 185 -3.24 -7.47 -10.85
CA THR B 185 -3.65 -6.25 -10.28
C THR B 185 -4.91 -5.75 -10.97
N TYR B 186 -5.88 -5.31 -10.18
CA TYR B 186 -7.11 -4.75 -10.74
C TYR B 186 -6.91 -3.33 -11.19
N ASP B 187 -7.67 -2.93 -12.21
CA ASP B 187 -7.61 -1.55 -12.68
C ASP B 187 -7.74 -0.55 -11.54
N ASP B 188 -8.59 -0.81 -10.55
CA ASP B 188 -8.80 0.23 -9.52
C ASP B 188 -7.84 0.12 -8.32
N GLU B 189 -6.94 -0.84 -8.31
CA GLU B 189 -5.87 -0.91 -7.31
C GLU B 189 -4.64 -0.10 -7.68
N HIS B 190 -3.79 0.10 -6.69
CA HIS B 190 -2.58 0.80 -7.02
CA HIS B 190 -2.46 0.71 -6.82
C HIS B 190 -1.62 -0.09 -7.79
N HIS B 191 -1.03 0.56 -8.78
CA HIS B 191 -0.07 -0.06 -9.63
C HIS B 191 1.38 0.06 -9.06
N SER B 192 1.88 -1.05 -8.53
CA SER B 192 3.29 -1.12 -8.14
C SER B 192 4.23 -0.57 -9.26
N THR B 193 5.32 0.10 -8.87
CA THR B 193 6.39 0.49 -9.79
C THR B 193 7.61 -0.41 -9.61
N LEU B 194 7.34 -1.67 -9.96
CA LEU B 194 8.22 -2.59 -10.71
C LEU B 194 7.39 -3.84 -10.83
N VAL B 195 7.17 -4.32 -12.05
CA VAL B 195 6.47 -5.60 -12.27
C VAL B 195 7.15 -6.47 -13.33
N SER B 196 6.72 -7.75 -13.43
CA SER B 196 7.23 -8.71 -14.39
C SER B 196 8.62 -9.21 -14.06
N THR B 197 8.89 -10.42 -14.52
CA THR B 197 10.20 -11.02 -14.48
C THR B 197 10.93 -10.36 -15.62
N ARG B 198 12.16 -9.97 -15.36
CA ARG B 198 12.90 -9.03 -16.19
C ARG B 198 12.86 -9.30 -17.67
N HIS B 199 13.11 -10.55 -18.06
CA HIS B 199 13.17 -10.87 -19.47
C HIS B 199 11.83 -10.58 -20.17
N TYR B 200 10.73 -10.46 -19.41
CA TYR B 200 9.39 -10.37 -20.01
C TYR B 200 8.77 -9.04 -19.67
N ARG B 201 9.57 -8.16 -19.10
CA ARG B 201 9.15 -6.88 -18.68
C ARG B 201 9.09 -5.85 -19.85
N ALA B 202 7.96 -5.17 -19.94
CA ALA B 202 7.69 -4.18 -20.96
C ALA B 202 8.48 -2.87 -20.78
N PRO B 203 8.74 -2.17 -21.88
CA PRO B 203 9.54 -0.92 -21.75
C PRO B 203 8.87 0.17 -20.89
N GLU B 204 7.55 0.28 -20.91
CA GLU B 204 6.88 1.25 -20.02
C GLU B 204 7.09 0.93 -18.49
N VAL B 205 7.27 -0.33 -18.18
CA VAL B 205 7.56 -0.76 -16.84
C VAL B 205 8.99 -0.37 -16.48
N ILE B 206 9.94 -0.75 -17.32
CA ILE B 206 11.35 -0.42 -17.04
C ILE B 206 11.54 1.10 -16.91
N LEU B 207 10.84 1.88 -17.72
CA LEU B 207 10.97 3.31 -17.69
C LEU B 207 10.04 3.99 -16.68
N ALA B 208 9.25 3.20 -15.96
CA ALA B 208 8.39 3.72 -14.89
C ALA B 208 7.42 4.77 -15.42
N LEU B 209 6.82 4.49 -16.57
CA LEU B 209 5.86 5.36 -17.18
C LEU B 209 4.43 5.02 -16.82
N GLY B 210 4.21 4.03 -15.97
CA GLY B 210 2.88 3.53 -15.67
C GLY B 210 2.57 2.40 -16.60
N TRP B 211 1.73 1.50 -16.18
CA TRP B 211 1.44 0.33 -16.97
C TRP B 211 0.04 -0.14 -16.74
N SER B 212 -0.41 -1.05 -17.57
CA SER B 212 -1.78 -1.49 -17.52
C SER B 212 -1.81 -2.75 -18.42
N GLN B 213 -2.96 -3.14 -18.94
CA GLN B 213 -3.08 -4.35 -19.69
C GLN B 213 -2.04 -4.56 -20.79
N PRO B 214 -1.62 -3.48 -21.49
CA PRO B 214 -0.66 -3.72 -22.56
C PRO B 214 0.65 -4.41 -22.14
N CYS B 215 1.05 -4.26 -20.87
CA CYS B 215 2.32 -4.83 -20.49
C CYS B 215 2.26 -6.37 -20.59
N ASP B 216 1.08 -6.96 -20.42
CA ASP B 216 0.89 -8.37 -20.62
C ASP B 216 1.12 -8.77 -22.04
N VAL B 217 0.73 -7.90 -22.96
CA VAL B 217 0.86 -8.24 -24.39
C VAL B 217 2.34 -8.32 -24.78
N TRP B 218 3.14 -7.40 -24.25
CA TRP B 218 4.61 -7.42 -24.44
C TRP B 218 5.17 -8.71 -23.94
N SER B 219 4.78 -9.12 -22.73
CA SER B 219 5.25 -10.39 -22.19
C SER B 219 4.92 -11.57 -23.10
N ILE B 220 3.70 -11.60 -23.59
CA ILE B 220 3.28 -12.71 -24.46
C ILE B 220 4.10 -12.78 -25.76
N GLY B 221 4.41 -11.61 -26.36
CA GLY B 221 5.37 -11.54 -27.45
C GLY B 221 6.72 -12.17 -27.14
N CYS B 222 7.24 -11.88 -25.95
CA CYS B 222 8.52 -12.49 -25.57
C CYS B 222 8.40 -13.99 -25.41
N ILE B 223 7.27 -14.45 -24.84
CA ILE B 223 7.02 -15.88 -24.66
C ILE B 223 7.00 -16.59 -26.02
N LEU B 224 6.28 -16.03 -26.97
CA LEU B 224 6.17 -16.67 -28.26
C LEU B 224 7.52 -16.83 -28.92
N ILE B 225 8.37 -15.81 -28.85
CA ILE B 225 9.72 -15.87 -29.39
C ILE B 225 10.50 -16.98 -28.76
N GLU B 226 10.41 -17.12 -27.44
CA GLU B 226 11.11 -18.22 -26.78
C GLU B 226 10.58 -19.57 -27.17
N TYR B 227 9.27 -19.71 -27.31
CA TYR B 227 8.72 -20.98 -27.77
C TYR B 227 9.27 -21.32 -29.14
N TYR B 228 9.48 -20.28 -29.97
CA TYR B 228 9.90 -20.48 -31.37
C TYR B 228 11.39 -20.78 -31.46
N LEU B 229 12.19 -20.12 -30.65
CA LEU B 229 13.64 -20.32 -30.71
C LEU B 229 14.14 -21.33 -29.71
N GLY B 230 13.43 -21.49 -28.59
CA GLY B 230 13.88 -22.35 -27.51
C GLY B 230 14.73 -21.63 -26.49
N PHE B 231 14.93 -20.32 -26.65
CA PHE B 231 15.74 -19.52 -25.72
C PHE B 231 15.23 -18.08 -25.73
N THR B 232 15.54 -17.28 -24.71
CA THR B 232 15.06 -15.88 -24.67
C THR B 232 15.93 -15.02 -25.53
N VAL B 233 15.36 -13.96 -26.11
CA VAL B 233 16.18 -13.00 -26.82
C VAL B 233 16.64 -11.84 -25.93
N PHE B 234 16.19 -11.79 -24.67
CA PHE B 234 16.67 -10.76 -23.73
C PHE B 234 17.39 -11.41 -22.56
N PRO B 235 18.53 -12.06 -22.80
CA PRO B 235 19.19 -12.74 -21.71
C PRO B 235 20.07 -11.76 -20.91
N THR B 236 19.47 -11.03 -19.99
CA THR B 236 20.23 -10.06 -19.24
C THR B 236 19.64 -9.92 -17.85
N HIS B 237 20.43 -9.38 -16.94
CA HIS B 237 19.97 -9.12 -15.59
C HIS B 237 20.10 -7.63 -15.24
N ASP B 238 20.13 -6.78 -16.26
CA ASP B 238 20.41 -5.37 -16.04
C ASP B 238 19.53 -4.54 -16.93
N SER B 239 18.93 -3.49 -16.37
CA SER B 239 17.88 -2.76 -17.09
C SER B 239 18.43 -2.01 -18.28
N LYS B 240 19.57 -1.35 -18.09
CA LYS B 240 20.16 -0.57 -19.18
C LYS B 240 20.55 -1.46 -20.35
N GLU B 241 21.20 -2.58 -20.04
CA GLU B 241 21.58 -3.57 -21.03
C GLU B 241 20.37 -4.14 -21.75
N HIS B 242 19.33 -4.41 -20.99
CA HIS B 242 18.07 -4.86 -21.54
C HIS B 242 17.54 -3.84 -22.55
N LEU B 243 17.57 -2.56 -22.20
CA LEU B 243 17.12 -1.53 -23.16
C LEU B 243 18.03 -1.51 -24.38
N ALA B 244 19.32 -1.76 -24.17
CA ALA B 244 20.25 -1.85 -25.30
C ALA B 244 19.93 -3.03 -26.21
N MET B 245 19.56 -4.15 -25.61
CA MET B 245 19.11 -5.31 -26.38
C MET B 245 17.84 -5.05 -27.18
N MET B 246 16.84 -4.41 -26.56
CA MET B 246 15.63 -4.02 -27.28
C MET B 246 15.96 -3.18 -28.51
N GLU B 247 16.86 -2.22 -28.31
CA GLU B 247 17.21 -1.30 -29.35
C GLU B 247 17.84 -2.05 -30.53
N ARG B 248 18.66 -3.05 -30.27
CA ARG B 248 19.26 -3.82 -31.34
C ARG B 248 18.25 -4.65 -32.08
N ILE B 249 17.26 -5.17 -31.37
CA ILE B 249 16.30 -6.07 -31.96
C ILE B 249 15.10 -5.37 -32.61
N LEU B 250 14.68 -4.26 -32.02
CA LEU B 250 13.48 -3.59 -32.42
C LEU B 250 13.70 -2.15 -32.91
N GLY B 251 14.95 -1.65 -32.86
CA GLY B 251 15.21 -0.26 -33.18
C GLY B 251 15.10 0.68 -31.99
N PRO B 252 15.34 1.97 -32.21
CA PRO B 252 15.35 2.94 -31.13
C PRO B 252 14.00 3.17 -30.44
N LEU B 253 14.07 3.46 -29.14
CA LEU B 253 12.92 3.82 -28.35
C LEU B 253 12.31 5.11 -28.85
N PRO B 254 10.99 5.27 -28.70
CA PRO B 254 10.37 6.55 -29.07
C PRO B 254 10.83 7.69 -28.18
N LYS B 255 11.11 8.83 -28.83
CA LYS B 255 11.54 10.06 -28.16
C LYS B 255 10.63 10.41 -27.00
N HIS B 256 9.32 10.39 -27.25
CA HIS B 256 8.38 10.88 -26.27
C HIS B 256 8.41 10.03 -25.00
N MET B 257 8.72 8.74 -25.11
CA MET B 257 8.88 7.89 -23.93
C MET B 257 10.20 8.22 -23.24
N ILE B 258 11.26 8.44 -24.00
CA ILE B 258 12.55 8.82 -23.42
C ILE B 258 12.45 10.17 -22.67
N GLN B 259 11.75 11.13 -23.25
CA GLN B 259 11.60 12.41 -22.60
C GLN B 259 10.72 12.33 -21.35
N LYS B 260 9.74 11.42 -21.35
CA LYS B 260 8.78 11.36 -20.27
C LYS B 260 9.30 10.62 -19.03
N THR B 261 10.20 9.67 -19.21
CA THR B 261 10.65 8.85 -18.09
C THR B 261 11.41 9.65 -17.04
N ARG B 262 11.23 9.23 -15.79
CA ARG B 262 11.98 9.75 -14.66
C ARG B 262 13.31 9.05 -14.49
N LYS B 263 13.57 8.00 -15.27
CA LYS B 263 14.79 7.21 -15.15
C LYS B 263 15.89 7.80 -16.01
N ARG B 264 16.32 9.01 -15.64
CA ARG B 264 17.33 9.72 -16.42
C ARG B 264 18.66 8.99 -16.47
N LYS B 265 18.97 8.23 -15.45
CA LYS B 265 20.23 7.50 -15.40
C LYS B 265 20.54 6.63 -16.64
N TYR B 266 19.51 6.23 -17.40
CA TYR B 266 19.74 5.43 -18.60
C TYR B 266 20.11 6.26 -19.83
N PHE B 267 19.93 7.58 -19.76
CA PHE B 267 19.96 8.41 -20.97
C PHE B 267 20.92 9.57 -20.94
N HIS B 268 21.36 9.96 -22.13
CA HIS B 268 22.15 11.14 -22.27
C HIS B 268 21.80 11.75 -23.60
N HIS B 269 21.51 13.05 -23.61
CA HIS B 269 21.04 13.75 -24.80
C HIS B 269 19.84 12.98 -25.41
N ASP B 270 18.94 12.42 -24.59
CA ASP B 270 17.76 11.66 -25.07
C ASP B 270 18.07 10.42 -25.94
N ARG B 271 19.28 9.90 -25.80
CA ARG B 271 19.69 8.65 -26.42
C ARG B 271 20.17 7.76 -25.26
N LEU B 272 20.04 6.45 -25.43
CA LEU B 272 20.45 5.48 -24.43
C LEU B 272 21.92 5.64 -24.18
N ASP B 273 22.31 5.66 -22.90
CA ASP B 273 23.69 5.90 -22.53
C ASP B 273 24.44 4.59 -22.41
N TRP B 274 24.88 4.09 -23.56
CA TRP B 274 25.34 2.73 -23.71
C TRP B 274 26.49 2.70 -24.69
N ASP B 275 27.68 2.36 -24.20
CA ASP B 275 28.84 2.24 -25.07
C ASP B 275 28.82 0.89 -25.79
N GLU B 276 28.47 0.88 -27.07
CA GLU B 276 28.40 -0.35 -27.85
C GLU B 276 29.76 -1.00 -28.13
N HIS B 277 30.85 -0.29 -27.84
CA HIS B 277 32.20 -0.83 -27.97
C HIS B 277 32.81 -1.28 -26.63
N SER B 278 32.03 -1.22 -25.56
CA SER B 278 32.46 -1.80 -24.27
C SER B 278 32.37 -3.33 -24.30
N SER B 279 32.80 -3.93 -23.20
CA SER B 279 32.74 -5.38 -23.01
C SER B 279 31.29 -5.84 -23.21
N ALA B 280 30.39 -5.28 -22.41
CA ALA B 280 28.98 -5.62 -22.46
C ALA B 280 28.33 -5.18 -23.78
N GLY B 281 28.86 -4.10 -24.35
CA GLY B 281 28.40 -3.62 -25.64
C GLY B 281 28.63 -4.62 -26.75
N ARG B 282 29.84 -5.17 -26.81
CA ARG B 282 30.16 -6.14 -27.86
C ARG B 282 29.34 -7.41 -27.70
N TYR B 283 29.09 -7.80 -26.44
CA TYR B 283 28.18 -8.93 -26.10
C TYR B 283 26.78 -8.67 -26.68
N VAL B 284 26.25 -7.45 -26.51
CA VAL B 284 24.89 -7.14 -27.02
C VAL B 284 24.84 -7.20 -28.55
N SER B 285 25.88 -6.68 -29.21
CA SER B 285 25.96 -6.75 -30.67
C SER B 285 26.02 -8.19 -31.19
N ARG B 286 26.77 -9.06 -30.54
CA ARG B 286 26.81 -10.44 -30.98
C ARG B 286 25.56 -11.21 -30.67
N ALA B 287 24.96 -10.98 -29.51
CA ALA B 287 23.82 -11.78 -29.03
C ALA B 287 22.49 -11.37 -29.63
N CYS B 288 22.41 -10.14 -30.07
CA CYS B 288 21.15 -9.65 -30.54
C CYS B 288 21.26 -9.20 -31.97
N LYS B 289 20.12 -9.19 -32.65
CA LYS B 289 20.06 -8.71 -34.03
C LYS B 289 18.63 -8.38 -34.34
N PRO B 290 18.37 -7.74 -35.48
CA PRO B 290 16.97 -7.38 -35.74
C PRO B 290 16.02 -8.58 -35.69
N LEU B 291 14.84 -8.33 -35.14
CA LEU B 291 13.84 -9.38 -34.89
C LEU B 291 13.68 -10.42 -36.01
N LYS B 292 13.50 -9.96 -37.24
CA LYS B 292 13.17 -10.89 -38.31
C LYS B 292 14.33 -11.76 -38.71
N GLU B 293 15.55 -11.34 -38.37
CA GLU B 293 16.69 -12.20 -38.58
C GLU B 293 16.66 -13.45 -37.73
N PHE B 294 15.80 -13.52 -36.70
CA PHE B 294 15.63 -14.74 -35.90
C PHE B 294 14.77 -15.82 -36.57
N MET B 295 14.09 -15.49 -37.66
CA MET B 295 13.18 -16.44 -38.32
C MET B 295 13.96 -17.60 -38.86
N LEU B 296 13.43 -18.80 -38.69
CA LEU B 296 14.12 -20.00 -39.09
C LEU B 296 13.71 -20.43 -40.47
N SER B 297 12.72 -19.75 -41.03
CA SER B 297 12.20 -20.08 -42.36
C SER B 297 11.47 -18.85 -42.88
N GLN B 298 11.38 -18.73 -44.18
CA GLN B 298 10.66 -17.64 -44.84
C GLN B 298 9.25 -18.03 -45.22
N ASP B 299 8.86 -19.27 -44.93
CA ASP B 299 7.51 -19.72 -45.19
C ASP B 299 6.51 -18.73 -44.60
N VAL B 300 5.39 -18.57 -45.27
CA VAL B 300 4.41 -17.58 -44.87
C VAL B 300 3.88 -17.78 -43.45
N GLU B 301 3.79 -19.01 -42.97
CA GLU B 301 3.25 -19.21 -41.61
C GLU B 301 4.21 -18.65 -40.59
N HIS B 302 5.51 -18.77 -40.86
CA HIS B 302 6.51 -18.13 -40.02
C HIS B 302 6.43 -16.64 -40.11
N GLU B 303 6.21 -16.11 -41.30
CA GLU B 303 6.02 -14.67 -41.45
C GLU B 303 4.81 -14.17 -40.70
N ARG B 304 3.73 -14.95 -40.70
CA ARG B 304 2.54 -14.53 -39.98
C ARG B 304 2.80 -14.49 -38.50
N LEU B 305 3.49 -15.51 -37.96
CA LEU B 305 3.82 -15.47 -36.54
C LEU B 305 4.67 -14.21 -36.22
N PHE B 306 5.72 -13.97 -37.00
CA PHE B 306 6.59 -12.80 -36.72
C PHE B 306 5.90 -11.46 -36.90
N ASP B 307 4.90 -11.37 -37.77
CA ASP B 307 4.14 -10.13 -37.88
C ASP B 307 3.37 -9.87 -36.59
N LEU B 308 2.79 -10.92 -36.06
CA LEU B 308 2.12 -10.83 -34.75
C LEU B 308 3.06 -10.47 -33.56
N ILE B 309 4.20 -11.13 -33.49
CA ILE B 309 5.18 -10.86 -32.43
C ILE B 309 5.67 -9.43 -32.53
N GLN B 310 5.90 -8.99 -33.75
CA GLN B 310 6.32 -7.61 -33.92
C GLN B 310 5.28 -6.60 -33.41
N LYS B 311 4.00 -6.89 -33.64
CA LYS B 311 2.97 -6.01 -33.14
C LYS B 311 2.82 -6.07 -31.62
N MET B 312 3.11 -7.23 -31.04
CA MET B 312 3.09 -7.36 -29.61
C MET B 312 4.27 -6.61 -28.94
N LEU B 313 5.40 -6.50 -29.65
CA LEU B 313 6.57 -5.83 -29.17
C LEU B 313 6.71 -4.39 -29.68
N GLU B 314 5.58 -3.77 -29.97
CA GLU B 314 5.50 -2.34 -30.19
C GLU B 314 5.88 -1.59 -28.87
N TYR B 315 6.79 -0.60 -28.97
CA TYR B 315 7.28 0.08 -27.78
C TYR B 315 6.21 0.86 -27.02
N ASP B 316 5.41 1.58 -27.75
CA ASP B 316 4.43 2.48 -27.18
C ASP B 316 3.20 1.67 -26.78
N PRO B 317 2.93 1.54 -25.48
CA PRO B 317 1.79 0.71 -25.08
C PRO B 317 0.43 1.20 -25.57
N ALA B 318 0.32 2.49 -25.82
CA ALA B 318 -0.89 3.04 -26.44
C ALA B 318 -1.10 2.54 -27.90
N LYS B 319 -0.04 2.10 -28.57
CA LYS B 319 -0.10 1.62 -29.96
C LYS B 319 0.00 0.11 -30.10
N ARG B 320 0.35 -0.57 -29.00
CA ARG B 320 0.56 -1.97 -29.05
C ARG B 320 -0.76 -2.67 -29.31
N ILE B 321 -0.69 -3.77 -30.04
CA ILE B 321 -1.88 -4.53 -30.34
C ILE B 321 -2.53 -5.02 -29.04
N THR B 322 -3.86 -5.03 -28.98
CA THR B 322 -4.58 -5.60 -27.85
C THR B 322 -4.78 -7.07 -28.12
N LEU B 323 -5.14 -7.82 -27.08
CA LEU B 323 -5.33 -9.28 -27.26
C LEU B 323 -6.59 -9.57 -28.06
N ARG B 324 -7.59 -8.74 -27.87
CA ARG B 324 -8.79 -8.83 -28.65
C ARG B 324 -8.50 -8.80 -30.18
N GLU B 325 -7.60 -7.92 -30.59
CA GLU B 325 -7.17 -7.80 -31.99
C GLU B 325 -6.27 -8.95 -32.32
N ALA B 326 -5.40 -9.34 -31.39
CA ALA B 326 -4.45 -10.42 -31.67
C ALA B 326 -5.19 -11.69 -32.01
N LEU B 327 -6.32 -11.93 -31.37
CA LEU B 327 -7.08 -13.17 -31.60
C LEU B 327 -7.61 -13.24 -33.05
N LYS B 328 -7.67 -12.11 -33.75
CA LYS B 328 -8.12 -12.08 -35.17
C LYS B 328 -6.98 -12.04 -36.18
N HIS B 329 -5.74 -12.11 -35.71
CA HIS B 329 -4.58 -12.04 -36.58
C HIS B 329 -4.54 -13.27 -37.51
N PRO B 330 -4.10 -13.09 -38.77
CA PRO B 330 -3.96 -14.21 -39.74
C PRO B 330 -3.22 -15.47 -39.25
N PHE B 331 -2.28 -15.30 -38.35
CA PHE B 331 -1.53 -16.45 -37.82
C PHE B 331 -2.50 -17.49 -37.26
N PHE B 332 -3.67 -17.05 -36.75
CA PHE B 332 -4.64 -17.95 -36.20
C PHE B 332 -5.67 -18.49 -37.17
N ASP B 333 -5.62 -18.04 -38.44
CA ASP B 333 -6.65 -18.42 -39.42
C ASP B 333 -6.71 -19.94 -39.52
N LEU B 334 -5.55 -20.60 -39.48
CA LEU B 334 -5.54 -22.09 -39.61
C LEU B 334 -6.36 -22.78 -38.54
N LEU B 335 -6.53 -22.17 -37.38
CA LEU B 335 -7.31 -22.81 -36.33
C LEU B 335 -8.80 -22.70 -36.54
N LYS B 336 -9.24 -21.85 -37.44
CA LYS B 336 -10.68 -21.62 -37.58
C LYS B 336 -11.23 -22.54 -38.65
N LYS B 337 -12.38 -23.15 -38.33
CA LYS B 337 -12.92 -24.34 -39.02
C LYS B 337 -13.64 -24.12 -40.36
N SER B 338 -13.63 -22.91 -40.90
CA SER B 338 -14.46 -22.59 -42.10
C SER B 338 -13.65 -22.65 -43.41
N ILE B 339 -14.00 -23.61 -44.29
CA ILE B 339 -13.39 -23.75 -45.64
C ILE B 339 -14.46 -23.83 -46.68
N SER C 1 -17.91 -12.48 43.24
CA SER C 1 -16.70 -11.85 43.84
C SER C 1 -16.00 -10.85 42.88
N MET C 2 -16.60 -10.51 41.73
CA MET C 2 -15.92 -9.58 40.80
C MET C 2 -15.69 -8.15 41.37
N HIS C 3 -16.72 -7.56 41.94
CA HIS C 3 -16.59 -6.35 42.73
C HIS C 3 -15.33 -6.36 43.65
N LEU C 4 -14.98 -7.53 44.17
CA LEU C 4 -13.88 -7.64 45.13
C LEU C 4 -12.48 -7.58 44.52
N ILE C 5 -12.38 -7.67 43.20
CA ILE C 5 -11.07 -7.71 42.54
C ILE C 5 -10.88 -6.71 41.40
N CYS C 6 -11.85 -5.83 41.17
CA CYS C 6 -11.75 -4.92 40.06
C CYS C 6 -11.73 -3.46 40.47
N GLN C 7 -11.33 -3.14 41.73
CA GLN C 7 -11.37 -1.76 42.25
C GLN C 7 -10.17 -0.91 41.87
N SER C 8 -10.37 0.40 41.74
CA SER C 8 -9.28 1.36 41.57
C SER C 8 -8.20 1.11 42.57
N GLY C 9 -6.96 1.03 42.13
CA GLY C 9 -5.84 0.79 43.03
C GLY C 9 -5.44 -0.69 43.20
N ASP C 10 -6.31 -1.63 42.86
CA ASP C 10 -5.92 -3.05 42.94
C ASP C 10 -4.85 -3.30 41.91
N VAL C 11 -3.97 -4.24 42.23
CA VAL C 11 -2.93 -4.65 41.31
C VAL C 11 -3.21 -6.06 40.82
N LEU C 12 -3.24 -6.24 39.50
CA LEU C 12 -3.41 -7.56 38.89
C LEU C 12 -2.08 -8.13 38.41
N SER C 13 -1.82 -9.39 38.78
CA SER C 13 -0.70 -10.16 38.22
C SER C 13 0.62 -9.47 38.54
N ALA C 14 0.67 -8.83 39.69
CA ALA C 14 1.85 -8.15 40.16
C ALA C 14 2.39 -7.09 39.17
N ARG C 15 1.52 -6.50 38.35
CA ARG C 15 2.01 -5.48 37.43
C ARG C 15 1.00 -4.45 36.96
N TYR C 16 -0.28 -4.83 36.81
CA TYR C 16 -1.29 -3.92 36.28
C TYR C 16 -2.08 -3.28 37.40
N GLU C 17 -1.99 -1.95 37.54
CA GLU C 17 -2.72 -1.22 38.57
C GLU C 17 -3.99 -0.61 38.00
N ILE C 18 -5.13 -0.97 38.57
CA ILE C 18 -6.40 -0.51 38.04
C ILE C 18 -6.54 1.00 38.34
N VAL C 19 -6.87 1.75 37.30
CA VAL C 19 -7.14 3.18 37.35
C VAL C 19 -8.65 3.40 37.42
N ASP C 20 -9.41 2.84 36.48
CA ASP C 20 -10.84 3.10 36.43
C ASP C 20 -11.53 2.09 35.59
N THR C 21 -12.86 2.06 35.66
CA THR C 21 -13.65 1.19 34.84
C THR C 21 -13.98 1.82 33.47
N LEU C 22 -13.74 1.09 32.41
CA LEU C 22 -14.05 1.54 31.06
C LEU C 22 -15.44 1.13 30.56
N GLY C 23 -15.88 -0.04 30.99
CA GLY C 23 -17.17 -0.55 30.61
C GLY C 23 -17.49 -1.82 31.36
N GLU C 24 -18.77 -2.14 31.40
CA GLU C 24 -19.28 -3.25 32.15
C GLU C 24 -20.32 -3.95 31.33
N GLY C 25 -20.57 -5.19 31.67
CA GLY C 25 -21.42 -6.02 30.86
C GLY C 25 -21.81 -7.26 31.64
N ALA C 26 -22.51 -8.13 30.97
CA ALA C 26 -22.87 -9.40 31.55
C ALA C 26 -21.59 -10.25 31.65
N PHE C 27 -20.71 -10.13 30.65
CA PHE C 27 -19.40 -10.81 30.64
C PHE C 27 -18.47 -10.46 31.80
N GLY C 28 -18.58 -9.26 32.34
CA GLY C 28 -17.70 -8.75 33.43
C GLY C 28 -17.40 -7.29 33.15
N LYS C 29 -16.15 -6.86 33.25
CA LYS C 29 -15.84 -5.50 32.95
C LYS C 29 -14.51 -5.29 32.30
N VAL C 30 -14.32 -4.10 31.76
CA VAL C 30 -13.06 -3.70 31.16
C VAL C 30 -12.58 -2.55 31.98
N VAL C 31 -11.36 -2.66 32.49
CA VAL C 31 -10.76 -1.59 33.29
C VAL C 31 -9.52 -1.03 32.58
N GLU C 32 -9.21 0.23 32.84
CA GLU C 32 -7.95 0.82 32.42
C GLU C 32 -6.95 0.57 33.51
N CYS C 33 -5.74 0.16 33.14
CA CYS C 33 -4.70 -0.08 34.09
C CYS C 33 -3.40 0.56 33.72
N ILE C 34 -2.58 0.83 34.72
CA ILE C 34 -1.21 1.23 34.50
C ILE C 34 -0.37 -0.04 34.53
N ASP C 35 0.36 -0.30 33.46
CA ASP C 35 1.26 -1.43 33.43
C ASP C 35 2.62 -1.01 33.95
N HIS C 36 2.88 -1.37 35.20
CA HIS C 36 4.11 -0.99 35.85
C HIS C 36 5.35 -1.73 35.38
N LYS C 37 5.21 -2.80 34.61
CA LYS C 37 6.34 -3.44 33.99
C LYS C 37 6.57 -3.05 32.55
N ALA C 38 5.73 -2.17 32.00
CA ALA C 38 6.00 -1.63 30.68
C ALA C 38 6.12 -0.11 30.74
N GLY C 39 6.79 0.35 31.77
CA GLY C 39 7.11 1.77 31.89
C GLY C 39 5.94 2.68 32.20
N GLY C 40 4.83 2.14 32.69
CA GLY C 40 3.71 2.98 33.13
C GLY C 40 2.68 3.20 32.05
N ARG C 41 2.86 2.53 30.91
CA ARG C 41 1.88 2.55 29.83
C ARG C 41 0.49 2.10 30.27
N HIS C 42 -0.53 2.79 29.79
CA HIS C 42 -1.89 2.43 30.13
C HIS C 42 -2.39 1.40 29.18
N VAL C 43 -3.15 0.45 29.72
CA VAL C 43 -3.70 -0.65 28.97
C VAL C 43 -5.13 -0.89 29.39
N ALA C 44 -5.85 -1.70 28.64
CA ALA C 44 -7.21 -2.09 28.99
C ALA C 44 -7.14 -3.55 29.40
N VAL C 45 -7.78 -3.92 30.50
CA VAL C 45 -7.85 -5.29 30.90
C VAL C 45 -9.32 -5.70 31.00
N LYS C 46 -9.66 -6.77 30.31
CA LYS C 46 -10.98 -7.34 30.37
C LYS C 46 -10.98 -8.40 31.40
N ILE C 47 -11.74 -8.18 32.45
CA ILE C 47 -11.89 -9.12 33.51
C ILE C 47 -13.19 -9.85 33.28
N VAL C 48 -13.09 -11.14 33.05
CA VAL C 48 -14.24 -11.97 32.75
C VAL C 48 -14.87 -12.60 34.00
N LYS C 49 -16.19 -12.56 34.06
CA LYS C 49 -16.91 -13.22 35.16
C LYS C 49 -16.51 -14.69 35.27
N ASN C 50 -16.46 -15.17 36.50
CA ASN C 50 -16.12 -16.55 36.73
C ASN C 50 -17.39 -17.40 36.61
N VAL C 51 -17.94 -17.43 35.41
CA VAL C 51 -19.17 -18.13 35.12
C VAL C 51 -18.89 -18.87 33.81
N ASP C 52 -19.26 -20.14 33.75
CA ASP C 52 -18.83 -21.02 32.65
C ASP C 52 -19.02 -20.43 31.27
N ARG C 53 -20.22 -19.95 31.03
CA ARG C 53 -20.58 -19.36 29.78
C ARG C 53 -19.56 -18.28 29.34
N TYR C 54 -19.12 -17.46 30.26
CA TYR C 54 -18.21 -16.36 29.94
C TYR C 54 -16.74 -16.77 29.94
N CYS C 55 -16.36 -17.72 30.80
CA CYS C 55 -15.03 -18.32 30.71
C CYS C 55 -14.79 -19.01 29.38
N GLU C 56 -15.77 -19.77 28.90
CA GLU C 56 -15.65 -20.43 27.59
C GLU C 56 -15.54 -19.42 26.45
N ALA C 57 -16.34 -18.36 26.49
CA ALA C 57 -16.25 -17.31 25.44
C ALA C 57 -14.89 -16.57 25.46
N ALA C 58 -14.38 -16.32 26.66
CA ALA C 58 -13.06 -15.69 26.81
C ALA C 58 -11.91 -16.60 26.29
N ARG C 59 -11.97 -17.89 26.59
CA ARG C 59 -11.01 -18.83 26.03
C ARG C 59 -11.06 -18.86 24.50
N SER C 60 -12.27 -18.86 23.96
CA SER C 60 -12.43 -18.85 22.52
C SER C 60 -11.89 -17.54 21.93
N GLU C 61 -12.17 -16.41 22.59
CA GLU C 61 -11.69 -15.14 22.14
C GLU C 61 -10.16 -15.13 22.08
N ILE C 62 -9.53 -15.71 23.07
CA ILE C 62 -8.08 -15.73 23.14
C ILE C 62 -7.49 -16.51 21.95
N GLN C 63 -8.10 -17.62 21.58
CA GLN C 63 -7.63 -18.37 20.42
C GLN C 63 -7.75 -17.54 19.14
N VAL C 64 -8.89 -16.91 18.94
CA VAL C 64 -9.10 -16.12 17.73
C VAL C 64 -8.10 -14.94 17.67
N LEU C 65 -7.84 -14.29 18.80
CA LEU C 65 -6.90 -13.18 18.82
C LEU C 65 -5.46 -13.58 18.60
N GLU C 66 -5.06 -14.72 19.12
CA GLU C 66 -3.73 -15.22 18.86
C GLU C 66 -3.55 -15.37 17.34
N HIS C 67 -4.57 -15.90 16.67
CA HIS C 67 -4.56 -16.13 15.23
C HIS C 67 -4.52 -14.77 14.50
N LEU C 68 -5.40 -13.84 14.83
CA LEU C 68 -5.49 -12.56 14.15
C LEU C 68 -4.27 -11.70 14.34
N ASN C 69 -3.80 -11.58 15.56
CA ASN C 69 -2.61 -10.80 15.84
C ASN C 69 -1.33 -11.43 15.26
N THR C 70 -1.30 -12.75 15.11
CA THR C 70 -0.22 -13.41 14.34
C THR C 70 -0.29 -13.20 12.79
N THR C 71 -1.48 -13.25 12.21
CA THR C 71 -1.67 -13.02 10.80
C THR C 71 -1.48 -11.53 10.43
N ASP C 72 -1.84 -10.62 11.33
CA ASP C 72 -1.76 -9.18 11.07
C ASP C 72 -1.08 -8.53 12.28
N PRO C 73 0.23 -8.76 12.44
CA PRO C 73 0.95 -8.27 13.65
C PRO C 73 0.95 -6.76 13.82
N ASN C 74 0.81 -6.01 12.73
CA ASN C 74 0.72 -4.54 12.80
C ASN C 74 -0.70 -3.97 12.86
N SER C 75 -1.71 -4.81 12.96
CA SER C 75 -3.08 -4.32 12.98
C SER C 75 -3.44 -3.39 11.77
N THR C 76 -2.89 -3.73 10.62
CA THR C 76 -3.30 -3.12 9.40
C THR C 76 -4.78 -3.21 9.19
N PHE C 77 -5.41 -4.30 9.64
CA PHE C 77 -6.83 -4.46 9.42
C PHE C 77 -7.68 -4.11 10.65
N ARG C 78 -7.05 -3.44 11.61
CA ARG C 78 -7.80 -2.75 12.70
C ARG C 78 -8.57 -3.63 13.69
N CYS C 79 -8.12 -4.88 13.87
CA CYS C 79 -8.56 -5.68 14.99
C CYS C 79 -7.73 -5.30 16.21
N VAL C 80 -8.41 -5.17 17.35
CA VAL C 80 -7.71 -4.88 18.61
C VAL C 80 -6.58 -5.88 18.91
N GLN C 81 -5.47 -5.35 19.44
CA GLN C 81 -4.29 -6.15 19.79
C GLN C 81 -4.39 -6.65 21.23
N MET C 82 -4.36 -7.96 21.38
CA MET C 82 -4.22 -8.59 22.67
C MET C 82 -2.73 -8.63 23.05
N LEU C 83 -2.40 -8.16 24.23
CA LEU C 83 -1.02 -8.13 24.68
C LEU C 83 -0.66 -9.34 25.51
N GLU C 84 -1.60 -9.83 26.30
CA GLU C 84 -1.41 -11.09 27.07
C GLU C 84 -2.71 -11.47 27.77
N TRP C 85 -2.72 -12.59 28.42
CA TRP C 85 -3.81 -12.93 29.29
C TRP C 85 -3.28 -13.71 30.51
N PHE C 86 -4.05 -13.71 31.60
CA PHE C 86 -3.63 -14.38 32.81
C PHE C 86 -4.89 -14.66 33.63
N GLU C 87 -4.72 -15.38 34.71
CA GLU C 87 -5.76 -15.62 35.71
C GLU C 87 -5.45 -14.89 36.97
N HIS C 88 -6.49 -14.27 37.53
CA HIS C 88 -6.37 -13.49 38.76
C HIS C 88 -7.56 -13.86 39.57
N HIS C 89 -7.32 -14.51 40.70
CA HIS C 89 -8.35 -15.05 41.47
C HIS C 89 -9.41 -15.65 40.60
N GLY C 90 -9.00 -16.57 39.69
CA GLY C 90 -9.92 -17.51 39.02
C GLY C 90 -10.73 -16.82 38.00
N HIS C 91 -10.33 -15.59 37.66
CA HIS C 91 -10.93 -14.89 36.63
C HIS C 91 -9.93 -14.77 35.49
N ILE C 92 -10.39 -15.07 34.31
CA ILE C 92 -9.59 -14.83 33.14
C ILE C 92 -9.52 -13.33 32.85
N CYS C 93 -8.31 -12.80 32.70
CA CYS C 93 -8.10 -11.45 32.39
C CYS C 93 -7.35 -11.37 31.08
N ILE C 94 -7.85 -10.57 30.15
CA ILE C 94 -7.20 -10.38 28.88
C ILE C 94 -6.77 -8.93 28.75
N VAL C 95 -5.47 -8.73 28.49
CA VAL C 95 -4.88 -7.41 28.42
C VAL C 95 -4.87 -6.99 26.96
N PHE C 96 -5.39 -5.79 26.69
CA PHE C 96 -5.45 -5.26 25.35
C PHE C 96 -4.80 -3.87 25.29
N GLU C 97 -4.44 -3.43 24.09
CA GLU C 97 -4.03 -2.04 23.89
C GLU C 97 -5.21 -1.15 24.34
N LEU C 98 -4.90 0.01 24.91
CA LEU C 98 -5.94 0.91 25.36
C LEU C 98 -6.45 1.79 24.21
N LEU C 99 -7.74 1.76 23.97
CA LEU C 99 -8.36 2.61 22.95
C LEU C 99 -9.22 3.66 23.63
N GLY C 100 -9.93 4.44 22.86
CA GLY C 100 -10.88 5.41 23.41
C GLY C 100 -12.27 4.81 23.56
N LEU C 101 -13.27 5.68 23.70
CA LEU C 101 -14.66 5.23 23.85
C LEU C 101 -15.16 4.36 22.72
N SER C 102 -16.09 3.45 23.04
CA SER C 102 -16.84 2.76 22.00
C SER C 102 -17.69 3.81 21.25
N THR C 103 -18.02 3.49 20.00
CA THR C 103 -18.83 4.38 19.20
C THR C 103 -20.19 4.53 19.83
N TYR C 104 -20.67 3.47 20.49
CA TYR C 104 -21.91 3.58 21.24
C TYR C 104 -21.82 4.59 22.37
N ASP C 105 -20.76 4.51 23.17
CA ASP C 105 -20.67 5.37 24.32
C ASP C 105 -20.52 6.85 23.87
N PHE C 106 -19.79 7.08 22.78
CA PHE C 106 -19.59 8.44 22.29
C PHE C 106 -20.95 9.01 21.93
N ILE C 107 -21.75 8.21 21.25
CA ILE C 107 -23.09 8.68 20.86
C ILE C 107 -23.93 8.98 22.10
N LYS C 108 -23.91 8.03 23.03
CA LYS C 108 -24.69 8.16 24.22
C LYS C 108 -24.28 9.40 25.00
N GLU C 109 -22.98 9.62 25.14
CA GLU C 109 -22.49 10.78 25.91
C GLU C 109 -22.78 12.11 25.20
N ASN C 110 -23.00 12.08 23.90
CA ASN C 110 -23.27 13.26 23.12
C ASN C 110 -24.78 13.40 22.94
N GLY C 111 -25.57 12.80 23.84
CA GLY C 111 -27.02 12.98 23.83
C GLY C 111 -27.72 12.27 22.67
N PHE C 112 -27.15 11.18 22.19
CA PHE C 112 -27.72 10.40 21.08
C PHE C 112 -27.84 11.23 19.77
N LEU C 113 -26.79 12.02 19.49
CA LEU C 113 -26.66 12.73 18.25
C LEU C 113 -25.86 11.87 17.29
N PRO C 114 -26.22 11.92 16.00
CA PRO C 114 -25.50 11.15 15.03
C PRO C 114 -24.10 11.67 14.74
N PHE C 115 -23.32 10.89 14.05
CA PHE C 115 -22.05 11.36 13.52
C PHE C 115 -22.24 12.13 12.22
N ARG C 116 -21.28 13.01 11.95
CA ARG C 116 -21.23 13.75 10.69
C ARG C 116 -20.88 12.78 9.55
N LEU C 117 -21.43 13.02 8.36
CA LEU C 117 -21.34 12.07 7.23
C LEU C 117 -19.91 11.76 6.81
N ASP C 118 -19.02 12.76 6.79
CA ASP C 118 -17.61 12.50 6.47
CA ASP C 118 -17.61 12.50 6.45
C ASP C 118 -16.92 11.56 7.49
N HIS C 119 -17.28 11.67 8.76
CA HIS C 119 -16.80 10.68 9.75
C HIS C 119 -17.41 9.32 9.54
N ILE C 120 -18.70 9.27 9.26
CA ILE C 120 -19.34 7.99 9.01
C ILE C 120 -18.62 7.29 7.81
N ARG C 121 -18.26 8.06 6.78
CA ARG C 121 -17.64 7.48 5.61
C ARG C 121 -16.31 6.82 5.99
N LYS C 122 -15.48 7.51 6.76
CA LYS C 122 -14.22 6.93 7.19
C LYS C 122 -14.44 5.76 8.13
N MET C 123 -15.40 5.87 9.04
CA MET C 123 -15.59 4.77 10.00
C MET C 123 -16.09 3.52 9.26
N ALA C 124 -17.05 3.72 8.37
CA ALA C 124 -17.67 2.63 7.59
C ALA C 124 -16.61 1.92 6.72
N TYR C 125 -15.74 2.70 6.09
CA TYR C 125 -14.69 2.11 5.31
C TYR C 125 -13.81 1.21 6.18
N GLN C 126 -13.39 1.73 7.33
CA GLN C 126 -12.54 0.95 8.24
C GLN C 126 -13.22 -0.26 8.81
N ILE C 127 -14.50 -0.15 9.17
CA ILE C 127 -15.24 -1.32 9.63
C ILE C 127 -15.32 -2.42 8.54
N CYS C 128 -15.63 -2.02 7.32
CA CYS C 128 -15.78 -2.94 6.23
C CYS C 128 -14.46 -3.62 5.93
N LYS C 129 -13.38 -2.86 5.97
CA LYS C 129 -12.05 -3.39 5.71
C LYS C 129 -11.65 -4.42 6.79
N SER C 130 -11.92 -4.06 8.06
CA SER C 130 -11.52 -4.89 9.16
C SER C 130 -12.29 -6.19 9.17
N VAL C 131 -13.61 -6.11 8.99
CA VAL C 131 -14.45 -7.30 9.00
C VAL C 131 -14.22 -8.15 7.72
N ASN C 132 -13.93 -7.51 6.58
CA ASN C 132 -13.58 -8.25 5.38
C ASN C 132 -12.35 -9.11 5.56
N PHE C 133 -11.39 -8.61 6.34
CA PHE C 133 -10.25 -9.35 6.72
C PHE C 133 -10.60 -10.62 7.51
N LEU C 134 -11.51 -10.53 8.44
CA LEU C 134 -12.02 -11.69 9.12
C LEU C 134 -12.65 -12.64 8.10
N HIS C 135 -13.47 -12.08 7.22
CA HIS C 135 -14.10 -12.89 6.19
C HIS C 135 -13.13 -13.54 5.24
N SER C 136 -11.97 -12.95 5.05
CA SER C 136 -10.96 -13.56 4.24
CA SER C 136 -10.98 -13.58 4.21
C SER C 136 -10.16 -14.60 4.99
N ASN C 137 -10.35 -14.73 6.30
CA ASN C 137 -9.63 -15.77 7.08
C ASN C 137 -10.60 -16.79 7.67
N LYS C 138 -11.68 -17.02 6.95
CA LYS C 138 -12.69 -18.03 7.30
C LYS C 138 -13.40 -17.80 8.65
N LEU C 139 -13.56 -16.55 9.03
CA LEU C 139 -14.24 -16.18 10.24
C LEU C 139 -15.46 -15.31 9.99
N THR C 140 -16.44 -15.46 10.88
CA THR C 140 -17.59 -14.56 11.01
C THR C 140 -17.58 -14.02 12.45
N HIS C 141 -17.68 -12.71 12.63
CA HIS C 141 -17.66 -12.08 13.95
C HIS C 141 -18.94 -12.46 14.74
N THR C 142 -20.09 -12.24 14.11
CA THR C 142 -21.44 -12.58 14.61
C THR C 142 -22.01 -11.61 15.65
N ASP C 143 -21.17 -10.74 16.20
CA ASP C 143 -21.68 -9.83 17.23
C ASP C 143 -21.21 -8.38 16.98
N LEU C 144 -21.33 -7.92 15.74
CA LEU C 144 -20.95 -6.56 15.46
C LEU C 144 -22.05 -5.61 15.90
N LYS C 145 -21.63 -4.53 16.57
CA LYS C 145 -22.56 -3.54 17.11
C LYS C 145 -21.71 -2.36 17.58
N PRO C 146 -22.31 -1.18 17.81
CA PRO C 146 -21.52 0.03 18.07
C PRO C 146 -20.68 -0.05 19.34
N GLU C 147 -21.14 -0.87 20.29
CA GLU C 147 -20.35 -1.17 21.49
C GLU C 147 -19.06 -1.88 21.21
N ASN C 148 -19.00 -2.63 20.10
CA ASN C 148 -17.82 -3.37 19.75
C ASN C 148 -16.95 -2.71 18.67
N ILE C 149 -17.24 -1.47 18.36
CA ILE C 149 -16.40 -0.67 17.51
C ILE C 149 -15.91 0.47 18.39
N LEU C 150 -14.60 0.65 18.47
CA LEU C 150 -14.04 1.63 19.37
C LEU C 150 -13.20 2.61 18.62
N PHE C 151 -13.24 3.88 19.03
CA PHE C 151 -12.32 4.89 18.52
C PHE C 151 -10.93 4.64 19.05
N VAL C 152 -9.94 4.74 18.18
CA VAL C 152 -8.56 4.69 18.63
C VAL C 152 -8.29 5.84 19.62
N GLN C 153 -8.82 7.03 19.31
CA GLN C 153 -8.83 8.19 20.18
C GLN C 153 -10.17 8.87 20.14
N SER C 154 -10.82 9.03 21.28
CA SER C 154 -12.14 9.62 21.30
C SER C 154 -12.14 11.11 21.69
N ASP C 155 -10.95 11.73 21.72
CA ASP C 155 -10.82 13.18 21.96
C ASP C 155 -11.70 13.99 20.98
N TYR C 156 -12.26 15.09 21.50
CA TYR C 156 -13.24 15.89 20.78
C TYR C 156 -13.05 17.32 21.18
N THR C 157 -13.49 18.24 20.33
CA THR C 157 -13.65 19.64 20.69
C THR C 157 -15.13 19.90 20.98
N GLU C 158 -15.38 20.93 21.77
CA GLU C 158 -16.71 21.19 22.27
C GLU C 158 -17.04 22.65 22.04
N ALA C 159 -18.05 22.93 21.24
CA ALA C 159 -18.40 24.30 20.90
C ALA C 159 -19.90 24.48 21.00
N TYR C 160 -20.33 25.72 21.23
CA TYR C 160 -21.74 26.05 21.11
C TYR C 160 -22.12 25.98 19.63
N ASN C 161 -23.22 25.29 19.33
CA ASN C 161 -23.71 25.22 17.96
C ASN C 161 -25.05 25.95 17.79
N PRO C 162 -25.09 27.08 17.06
CA PRO C 162 -26.37 27.78 16.88
C PRO C 162 -27.49 26.88 16.32
N LYS C 163 -27.23 26.21 15.19
CA LYS C 163 -28.20 25.30 14.54
C LYS C 163 -29.07 24.43 15.50
N ILE C 164 -28.48 23.94 16.59
CA ILE C 164 -29.22 23.09 17.54
C ILE C 164 -29.32 23.70 18.97
N LYS C 165 -29.04 25.00 19.10
CA LYS C 165 -28.97 25.72 20.41
C LYS C 165 -28.37 24.96 21.60
N ARG C 166 -27.32 24.19 21.39
CA ARG C 166 -26.71 23.39 22.45
C ARG C 166 -25.20 23.21 22.23
N ASP C 167 -24.48 22.98 23.33
CA ASP C 167 -23.09 22.59 23.26
C ASP C 167 -22.96 21.23 22.60
N GLU C 168 -21.96 21.07 21.78
CA GLU C 168 -21.85 19.85 21.00
C GLU C 168 -20.43 19.41 20.85
N ARG C 169 -20.26 18.10 20.89
CA ARG C 169 -18.95 17.50 20.82
C ARG C 169 -18.66 17.11 19.42
N THR C 170 -17.50 17.55 18.93
CA THR C 170 -17.02 17.15 17.64
C THR C 170 -15.79 16.31 17.76
N LEU C 171 -15.94 15.08 17.33
CA LEU C 171 -14.85 14.16 17.25
C LEU C 171 -13.68 14.72 16.46
N ILE C 172 -12.47 14.58 16.99
CA ILE C 172 -11.26 15.00 16.30
C ILE C 172 -10.76 13.96 15.29
N ASN C 173 -10.53 12.74 15.75
CA ASN C 173 -10.11 11.66 14.85
C ASN C 173 -11.10 10.49 14.86
N PRO C 174 -11.67 10.17 13.72
CA PRO C 174 -12.67 9.07 13.69
C PRO C 174 -12.15 7.65 13.48
N ASP C 175 -10.83 7.43 13.43
CA ASP C 175 -10.27 6.07 13.24
C ASP C 175 -10.81 5.07 14.29
N ILE C 176 -11.08 3.84 13.87
CA ILE C 176 -11.64 2.82 14.76
C ILE C 176 -10.86 1.50 14.75
N LYS C 177 -11.21 0.64 15.71
CA LYS C 177 -10.84 -0.77 15.73
C LYS C 177 -12.05 -1.59 16.11
N VAL C 178 -12.05 -2.84 15.66
CA VAL C 178 -13.07 -3.82 16.00
C VAL C 178 -12.57 -4.66 17.19
N VAL C 179 -13.47 -4.89 18.17
CA VAL C 179 -13.17 -5.73 19.35
C VAL C 179 -14.21 -6.82 19.52
N ASP C 180 -14.01 -7.63 20.56
CA ASP C 180 -14.91 -8.68 21.03
C ASP C 180 -15.07 -9.88 20.07
N PHE C 181 -14.10 -10.76 20.12
CA PHE C 181 -14.06 -11.92 19.30
C PHE C 181 -14.50 -13.20 20.04
N GLY C 182 -15.19 -13.04 21.16
CA GLY C 182 -15.73 -14.17 21.91
C GLY C 182 -16.81 -14.98 21.21
N SER C 183 -17.44 -14.45 20.18
CA SER C 183 -18.46 -15.20 19.46
C SER C 183 -18.05 -15.59 18.05
N ALA C 184 -16.87 -15.13 17.64
CA ALA C 184 -16.40 -15.34 16.28
C ALA C 184 -16.27 -16.81 15.98
N THR C 185 -16.71 -17.21 14.81
CA THR C 185 -16.84 -18.62 14.47
C THR C 185 -16.19 -18.92 13.15
N TYR C 186 -15.40 -19.97 13.11
CA TYR C 186 -14.74 -20.39 11.89
C TYR C 186 -15.73 -21.11 10.98
N ASP C 187 -15.49 -20.99 9.66
CA ASP C 187 -16.29 -21.72 8.70
C ASP C 187 -16.45 -23.20 9.05
N ASP C 188 -15.44 -23.86 9.56
CA ASP C 188 -15.57 -25.30 9.78
C ASP C 188 -16.12 -25.73 11.18
N GLU C 189 -16.34 -24.79 12.09
CA GLU C 189 -16.95 -25.08 13.41
C GLU C 189 -18.46 -25.26 13.28
N HIS C 190 -19.07 -25.99 14.21
CA HIS C 190 -20.56 -26.11 14.28
C HIS C 190 -21.17 -24.75 14.63
N HIS C 191 -22.07 -24.26 13.78
CA HIS C 191 -22.67 -22.91 13.92
C HIS C 191 -23.80 -22.99 14.96
N SER C 192 -23.65 -22.28 16.07
CA SER C 192 -24.80 -22.05 16.97
C SER C 192 -26.06 -21.56 16.21
N THR C 193 -27.25 -22.04 16.57
CA THR C 193 -28.45 -21.53 15.90
C THR C 193 -28.73 -20.06 16.15
N LEU C 194 -28.57 -19.60 17.38
CA LEU C 194 -28.80 -18.17 17.70
C LEU C 194 -27.51 -17.37 17.83
N VAL C 195 -27.39 -16.28 17.06
CA VAL C 195 -26.25 -15.35 17.18
C VAL C 195 -26.67 -13.87 17.06
N SER C 196 -25.72 -12.97 17.38
CA SER C 196 -25.90 -11.53 17.32
C SER C 196 -26.79 -10.98 18.43
N THR C 197 -26.52 -9.75 18.78
CA THR C 197 -27.35 -8.97 19.68
C THR C 197 -28.54 -8.61 18.83
N ARG C 198 -29.74 -8.76 19.42
CA ARG C 198 -31.02 -8.79 18.68
C ARG C 198 -31.16 -7.66 17.66
N HIS C 199 -30.84 -6.45 18.03
CA HIS C 199 -31.03 -5.32 17.13
C HIS C 199 -30.19 -5.42 15.87
N TYR C 200 -29.14 -6.26 15.89
CA TYR C 200 -28.19 -6.32 14.77
C TYR C 200 -28.24 -7.68 14.09
N ARG C 201 -29.23 -8.48 14.47
CA ARG C 201 -29.35 -9.82 14.07
C ARG C 201 -30.02 -9.89 12.67
N ALA C 202 -29.39 -10.63 11.77
CA ALA C 202 -29.87 -10.81 10.42
C ALA C 202 -31.13 -11.68 10.31
N PRO C 203 -31.94 -11.46 9.27
CA PRO C 203 -33.17 -12.26 9.12
C PRO C 203 -32.95 -13.79 8.97
N GLU C 204 -31.84 -14.22 8.33
CA GLU C 204 -31.56 -15.65 8.23
C GLU C 204 -31.30 -16.27 9.63
N VAL C 205 -30.73 -15.50 10.54
CA VAL C 205 -30.50 -15.93 11.91
C VAL C 205 -31.84 -16.08 12.64
N ILE C 206 -32.65 -15.05 12.59
CA ILE C 206 -33.99 -15.10 13.23
C ILE C 206 -34.84 -16.26 12.69
N LEU C 207 -34.77 -16.51 11.38
CA LEU C 207 -35.55 -17.57 10.75
C LEU C 207 -34.85 -18.96 10.78
N ALA C 208 -33.65 -19.03 11.40
CA ALA C 208 -32.92 -20.27 11.59
C ALA C 208 -32.69 -20.98 10.25
N LEU C 209 -32.31 -20.21 9.24
CA LEU C 209 -32.03 -20.74 7.92
C LEU C 209 -30.52 -21.02 7.73
N GLY C 210 -29.73 -20.88 8.79
CA GLY C 210 -28.26 -21.06 8.66
C GLY C 210 -27.65 -19.70 8.37
N TRP C 211 -26.41 -19.50 8.79
CA TRP C 211 -25.79 -18.22 8.60
C TRP C 211 -24.34 -18.39 8.36
N SER C 212 -23.69 -17.31 7.95
CA SER C 212 -22.30 -17.37 7.60
CA SER C 212 -22.27 -17.35 7.64
C SER C 212 -21.86 -15.90 7.48
N GLN C 213 -20.79 -15.61 6.74
CA GLN C 213 -20.29 -14.21 6.70
C GLN C 213 -21.36 -13.13 6.39
N PRO C 214 -22.37 -13.44 5.55
CA PRO C 214 -23.33 -12.35 5.26
C PRO C 214 -24.06 -11.77 6.47
N CYS C 215 -24.20 -12.54 7.56
CA CYS C 215 -24.88 -12.02 8.73
C CYS C 215 -24.13 -10.82 9.35
N ASP C 216 -22.80 -10.77 9.18
CA ASP C 216 -22.02 -9.64 9.60
C ASP C 216 -22.37 -8.40 8.77
N VAL C 217 -22.65 -8.61 7.47
CA VAL C 217 -22.87 -7.47 6.59
C VAL C 217 -24.19 -6.80 6.99
N TRP C 218 -25.21 -7.61 7.30
CA TRP C 218 -26.44 -7.09 7.84
C TRP C 218 -26.17 -6.27 9.06
N SER C 219 -25.39 -6.81 10.00
CA SER C 219 -25.12 -6.09 11.23
C SER C 219 -24.49 -4.75 10.94
N ILE C 220 -23.56 -4.74 9.99
CA ILE C 220 -22.89 -3.47 9.62
C ILE C 220 -23.87 -2.46 9.05
N GLY C 221 -24.79 -2.91 8.22
CA GLY C 221 -25.88 -2.04 7.74
C GLY C 221 -26.67 -1.39 8.86
N CYS C 222 -27.00 -2.18 9.88
CA CYS C 222 -27.68 -1.61 11.05
C CYS C 222 -26.84 -0.60 11.80
N ILE C 223 -25.54 -0.85 11.90
CA ILE C 223 -24.63 0.05 12.59
C ILE C 223 -24.55 1.38 11.82
N LEU C 224 -24.43 1.33 10.50
CA LEU C 224 -24.31 2.57 9.74
C LEU C 224 -25.53 3.46 9.89
N ILE C 225 -26.71 2.85 9.85
CA ILE C 225 -27.96 3.58 10.05
C ILE C 225 -27.97 4.26 11.40
N GLU C 226 -27.52 3.56 12.44
CA GLU C 226 -27.44 4.17 13.79
C GLU C 226 -26.48 5.31 13.86
N TYR C 227 -25.35 5.17 13.20
CA TYR C 227 -24.39 6.26 13.19
C TYR C 227 -24.98 7.50 12.51
N TYR C 228 -25.80 7.27 11.48
CA TYR C 228 -26.42 8.35 10.68
C TYR C 228 -27.57 8.99 11.41
N LEU C 229 -28.35 8.19 12.13
CA LEU C 229 -29.51 8.76 12.82
C LEU C 229 -29.25 9.10 14.29
N GLY C 230 -28.34 8.35 14.91
CA GLY C 230 -28.14 8.45 16.35
C GLY C 230 -28.96 7.49 17.20
N PHE C 231 -29.75 6.62 16.60
CA PHE C 231 -30.55 5.68 17.36
C PHE C 231 -30.73 4.42 16.52
N THR C 232 -31.11 3.28 17.13
CA THR C 232 -31.36 2.05 16.26
C THR C 232 -32.70 2.08 15.62
N VAL C 233 -32.81 1.52 14.41
CA VAL C 233 -34.13 1.47 13.79
C VAL C 233 -34.88 0.24 14.17
N PHE C 234 -34.25 -0.68 14.90
CA PHE C 234 -34.96 -1.90 15.35
C PHE C 234 -35.01 -1.97 16.87
N PRO C 235 -35.73 -1.05 17.49
CA PRO C 235 -35.71 -1.03 18.95
C PRO C 235 -36.77 -2.02 19.47
N THR C 236 -36.45 -3.29 19.58
CA THR C 236 -37.45 -4.28 20.03
C THR C 236 -36.75 -5.36 20.80
N HIS C 237 -37.53 -6.11 21.55
CA HIS C 237 -37.01 -7.25 22.28
C HIS C 237 -37.77 -8.51 21.91
N ASP C 238 -38.39 -8.53 20.72
CA ASP C 238 -39.22 -9.65 20.34
C ASP C 238 -39.03 -9.99 18.85
N SER C 239 -38.93 -11.27 18.51
CA SER C 239 -38.52 -11.64 17.15
C SER C 239 -39.57 -11.34 16.10
N LYS C 240 -40.83 -11.64 16.41
CA LYS C 240 -41.92 -11.38 15.47
C LYS C 240 -42.06 -9.89 15.18
N GLU C 241 -42.02 -9.09 16.23
CA GLU C 241 -42.04 -7.65 16.11
C GLU C 241 -40.88 -7.12 15.30
N HIS C 242 -39.70 -7.67 15.56
CA HIS C 242 -38.52 -7.32 14.83
C HIS C 242 -38.75 -7.57 13.32
N LEU C 243 -39.32 -8.72 12.98
CA LEU C 243 -39.61 -9.00 11.58
C LEU C 243 -40.67 -8.02 11.03
N ALA C 244 -41.63 -7.64 11.88
CA ALA C 244 -42.62 -6.61 11.49
C ALA C 244 -41.94 -5.27 11.21
N MET C 245 -40.94 -4.94 12.02
CA MET C 245 -40.16 -3.72 11.79
C MET C 245 -39.39 -3.78 10.48
N MET C 246 -38.72 -4.89 10.22
CA MET C 246 -38.05 -5.07 8.93
C MET C 246 -38.99 -4.90 7.73
N GLU C 247 -40.16 -5.48 7.84
CA GLU C 247 -41.12 -5.39 6.78
C GLU C 247 -41.53 -3.95 6.51
N ARG C 248 -41.71 -3.15 7.55
CA ARG C 248 -42.11 -1.77 7.39
C ARG C 248 -41.01 -0.97 6.74
N ILE C 249 -39.77 -1.26 7.09
CA ILE C 249 -38.63 -0.51 6.61
C ILE C 249 -38.08 -0.97 5.25
N LEU C 250 -38.15 -2.25 4.98
CA LEU C 250 -37.51 -2.83 3.81
C LEU C 250 -38.47 -3.53 2.89
N GLY C 251 -39.73 -3.60 3.25
CA GLY C 251 -40.70 -4.33 2.45
C GLY C 251 -40.79 -5.79 2.88
N PRO C 252 -41.70 -6.53 2.25
CA PRO C 252 -41.94 -7.91 2.62
C PRO C 252 -40.74 -8.82 2.46
N LEU C 253 -40.66 -9.82 3.35
CA LEU C 253 -39.68 -10.88 3.25
C LEU C 253 -39.89 -11.70 1.96
N PRO C 254 -38.80 -12.24 1.43
CA PRO C 254 -38.93 -13.11 0.25
C PRO C 254 -39.71 -14.38 0.57
N LYS C 255 -40.62 -14.74 -0.33
CA LYS C 255 -41.42 -15.96 -0.23
C LYS C 255 -40.57 -17.17 0.08
N HIS C 256 -39.46 -17.32 -0.65
CA HIS C 256 -38.66 -18.53 -0.54
C HIS C 256 -38.04 -18.68 0.85
N MET C 257 -37.72 -17.59 1.50
CA MET C 257 -37.24 -17.64 2.89
C MET C 257 -38.39 -17.97 3.84
N ILE C 258 -39.57 -17.40 3.61
CA ILE C 258 -40.75 -17.72 4.42
C ILE C 258 -41.13 -19.20 4.31
N GLN C 259 -41.11 -19.74 3.09
CA GLN C 259 -41.43 -21.15 2.90
C GLN C 259 -40.37 -22.09 3.46
N LYS C 260 -39.11 -21.66 3.49
CA LYS C 260 -38.02 -22.53 3.96
C LYS C 260 -37.90 -22.60 5.47
N THR C 261 -38.25 -21.53 6.18
CA THR C 261 -38.02 -21.50 7.61
C THR C 261 -38.87 -22.53 8.35
N ARG C 262 -38.31 -23.05 9.44
CA ARG C 262 -39.03 -23.96 10.31
C ARG C 262 -39.81 -23.16 11.37
N LYS C 263 -39.59 -21.85 11.44
CA LYS C 263 -40.20 -21.02 12.45
C LYS C 263 -41.61 -20.64 12.01
N ARG C 264 -42.48 -21.65 11.93
CA ARG C 264 -43.84 -21.47 11.41
C ARG C 264 -44.64 -20.50 12.29
N LYS C 265 -44.32 -20.44 13.57
CA LYS C 265 -45.05 -19.60 14.50
C LYS C 265 -45.15 -18.12 14.09
N TYR C 266 -44.24 -17.63 13.25
CA TYR C 266 -44.29 -16.25 12.83
C TYR C 266 -45.25 -16.00 11.65
N PHE C 267 -45.74 -17.06 11.01
CA PHE C 267 -46.40 -16.89 9.73
C PHE C 267 -47.79 -17.50 9.61
N HIS C 268 -48.58 -16.93 8.71
CA HIS C 268 -49.88 -17.47 8.41
C HIS C 268 -50.13 -17.21 6.94
N HIS C 269 -50.45 -18.26 6.20
CA HIS C 269 -50.59 -18.17 4.77
C HIS C 269 -49.36 -17.52 4.12
N ASP C 270 -48.16 -17.86 4.61
CA ASP C 270 -46.89 -17.35 4.07
C ASP C 270 -46.74 -15.82 4.12
N ARG C 271 -47.50 -15.20 5.00
CA ARG C 271 -47.37 -13.79 5.31
C ARG C 271 -47.10 -13.71 6.83
N LEU C 272 -46.39 -12.68 7.27
CA LEU C 272 -46.11 -12.49 8.69
C LEU C 272 -47.40 -12.36 9.45
N ASP C 273 -47.49 -13.04 10.59
CA ASP C 273 -48.69 -13.05 11.36
C ASP C 273 -48.69 -11.94 12.41
N TRP C 274 -49.06 -10.75 11.96
CA TRP C 274 -48.83 -9.53 12.69
C TRP C 274 -50.02 -8.57 12.54
N ASP C 275 -50.77 -8.32 13.61
CA ASP C 275 -51.87 -7.34 13.54
C ASP C 275 -51.34 -5.90 13.65
N GLU C 276 -51.31 -5.18 12.54
CA GLU C 276 -50.78 -3.81 12.54
C GLU C 276 -51.65 -2.78 13.27
N HIS C 277 -52.86 -3.17 13.66
CA HIS C 277 -53.76 -2.32 14.48
C HIS C 277 -53.74 -2.68 15.96
N SER C 278 -52.91 -3.64 16.36
CA SER C 278 -52.72 -3.93 17.78
C SER C 278 -51.87 -2.85 18.45
N SER C 279 -51.69 -3.01 19.75
CA SER C 279 -50.85 -2.13 20.53
C SER C 279 -49.47 -2.08 19.91
N ALA C 280 -48.85 -3.23 19.84
CA ALA C 280 -47.50 -3.34 19.32
C ALA C 280 -47.44 -3.03 17.84
N GLY C 281 -48.54 -3.29 17.13
CA GLY C 281 -48.64 -2.92 15.73
C GLY C 281 -48.55 -1.43 15.52
N ARG C 282 -49.31 -0.64 16.30
CA ARG C 282 -49.30 0.81 16.14
C ARG C 282 -47.91 1.40 16.47
N TYR C 283 -47.26 0.82 17.48
CA TYR C 283 -45.89 1.16 17.84
C TYR C 283 -44.94 0.93 16.65
N VAL C 284 -45.10 -0.18 15.94
CA VAL C 284 -44.24 -0.43 14.79
C VAL C 284 -44.50 0.59 13.67
N SER C 285 -45.74 0.87 13.40
CA SER C 285 -46.08 1.85 12.38
C SER C 285 -45.48 3.24 12.71
N ARG C 286 -45.51 3.64 13.98
CA ARG C 286 -44.94 4.94 14.40
C ARG C 286 -43.46 5.00 14.46
N ALA C 287 -42.84 3.89 14.81
CA ALA C 287 -41.39 3.86 14.95
C ALA C 287 -40.66 3.57 13.66
N CYS C 288 -41.34 2.97 12.72
CA CYS C 288 -40.70 2.56 11.50
C CYS C 288 -41.34 3.14 10.25
N LYS C 289 -40.55 3.25 9.20
CA LYS C 289 -41.06 3.72 7.92
C LYS C 289 -40.07 3.26 6.86
N PRO C 290 -40.44 3.37 5.57
CA PRO C 290 -39.51 2.87 4.57
C PRO C 290 -38.13 3.52 4.67
N LEU C 291 -37.12 2.68 4.48
CA LEU C 291 -35.70 3.07 4.70
C LEU C 291 -35.33 4.47 4.21
N LYS C 292 -35.66 4.79 2.97
CA LYS C 292 -35.20 6.08 2.40
C LYS C 292 -35.88 7.27 3.00
N GLU C 293 -37.04 7.06 3.63
CA GLU C 293 -37.67 8.15 4.36
C GLU C 293 -36.88 8.61 5.59
N PHE C 294 -35.91 7.81 6.05
CA PHE C 294 -35.01 8.24 7.14
C PHE C 294 -33.92 9.23 6.74
N MET C 295 -33.72 9.44 5.43
CA MET C 295 -32.64 10.30 4.95
C MET C 295 -32.89 11.68 5.45
N LEU C 296 -31.83 12.34 5.88
CA LEU C 296 -31.91 13.70 6.40
C LEU C 296 -31.65 14.78 5.31
N SER C 297 -31.30 14.34 4.10
CA SER C 297 -30.93 15.22 3.01
C SER C 297 -30.99 14.42 1.72
N GLN C 298 -31.24 15.12 0.62
CA GLN C 298 -31.29 14.51 -0.70
C GLN C 298 -29.97 14.66 -1.45
N ASP C 299 -28.99 15.31 -0.84
CA ASP C 299 -27.64 15.42 -1.40
CA ASP C 299 -27.70 15.43 -1.48
C ASP C 299 -27.12 14.04 -1.84
N VAL C 300 -26.36 14.02 -2.93
CA VAL C 300 -25.95 12.77 -3.51
C VAL C 300 -25.12 11.91 -2.55
N GLU C 301 -24.36 12.53 -1.65
CA GLU C 301 -23.55 11.73 -0.74
C GLU C 301 -24.44 10.95 0.25
N HIS C 302 -25.56 11.54 0.65
CA HIS C 302 -26.54 10.85 1.46
C HIS C 302 -27.23 9.76 0.69
N GLU C 303 -27.49 9.98 -0.59
CA GLU C 303 -28.05 8.94 -1.45
C GLU C 303 -27.10 7.78 -1.63
N ARG C 304 -25.83 8.07 -1.77
CA ARG C 304 -24.84 6.99 -1.89
C ARG C 304 -24.79 6.15 -0.63
N LEU C 305 -24.80 6.79 0.53
CA LEU C 305 -24.74 6.01 1.79
C LEU C 305 -25.95 5.09 1.84
N PHE C 306 -27.12 5.64 1.59
CA PHE C 306 -28.33 4.83 1.69
C PHE C 306 -28.39 3.71 0.64
N ASP C 307 -27.82 3.91 -0.55
CA ASP C 307 -27.80 2.82 -1.53
C ASP C 307 -26.97 1.63 -0.96
N LEU C 308 -25.86 1.95 -0.31
CA LEU C 308 -25.03 0.95 0.33
C LEU C 308 -25.72 0.22 1.49
N ILE C 309 -26.33 0.99 2.36
CA ILE C 309 -27.09 0.42 3.47
C ILE C 309 -28.19 -0.49 2.95
N GLN C 310 -28.87 -0.04 1.92
CA GLN C 310 -29.93 -0.86 1.36
C GLN C 310 -29.38 -2.18 0.88
N LYS C 311 -28.21 -2.17 0.27
CA LYS C 311 -27.62 -3.39 -0.22
C LYS C 311 -27.10 -4.30 0.92
N MET C 312 -26.71 -3.70 2.02
CA MET C 312 -26.33 -4.45 3.19
C MET C 312 -27.52 -5.10 3.87
N LEU C 313 -28.70 -4.48 3.75
CA LEU C 313 -29.90 -4.97 4.36
C LEU C 313 -30.77 -5.72 3.41
N GLU C 314 -30.17 -6.30 2.40
CA GLU C 314 -30.84 -7.23 1.51
C GLU C 314 -31.22 -8.45 2.36
N TYR C 315 -32.48 -8.89 2.25
CA TYR C 315 -32.96 -9.99 3.06
C TYR C 315 -32.26 -11.30 2.79
N ASP C 316 -32.11 -11.61 1.51
CA ASP C 316 -31.54 -12.90 1.09
C ASP C 316 -30.01 -12.85 1.23
N PRO C 317 -29.43 -13.62 2.17
CA PRO C 317 -27.97 -13.54 2.36
C PRO C 317 -27.18 -13.94 1.12
N ALA C 318 -27.76 -14.75 0.25
CA ALA C 318 -27.10 -15.12 -0.99
C ALA C 318 -26.99 -13.94 -1.94
N LYS C 319 -27.82 -12.91 -1.77
CA LYS C 319 -27.81 -11.77 -2.67
C LYS C 319 -27.21 -10.56 -2.04
N ARG C 320 -26.98 -10.63 -0.71
CA ARG C 320 -26.52 -9.50 0.01
C ARG C 320 -25.14 -9.14 -0.49
N ILE C 321 -24.87 -7.86 -0.55
CA ILE C 321 -23.55 -7.40 -0.94
C ILE C 321 -22.48 -7.98 0.03
N THR C 322 -21.32 -8.30 -0.50
CA THR C 322 -20.18 -8.79 0.29
C THR C 322 -19.39 -7.57 0.68
N LEU C 323 -18.52 -7.71 1.66
CA LEU C 323 -17.70 -6.57 2.10
C LEU C 323 -16.61 -6.21 1.05
N ARG C 324 -16.15 -7.21 0.34
CA ARG C 324 -15.27 -6.97 -0.78
C ARG C 324 -15.89 -5.96 -1.82
N GLU C 325 -17.15 -6.18 -2.18
CA GLU C 325 -17.89 -5.33 -3.10
C GLU C 325 -18.23 -3.98 -2.40
N ALA C 326 -18.53 -4.03 -1.11
CA ALA C 326 -18.89 -2.81 -0.38
C ALA C 326 -17.74 -1.84 -0.35
N LEU C 327 -16.51 -2.35 -0.30
CA LEU C 327 -15.37 -1.45 -0.27
C LEU C 327 -15.20 -0.62 -1.57
N LYS C 328 -15.82 -1.07 -2.67
CA LYS C 328 -15.75 -0.35 -3.95
C LYS C 328 -16.94 0.57 -4.20
N HIS C 329 -17.89 0.61 -3.28
CA HIS C 329 -19.11 1.31 -3.50
C HIS C 329 -18.81 2.81 -3.64
N PRO C 330 -19.57 3.52 -4.50
CA PRO C 330 -19.39 5.00 -4.71
C PRO C 330 -19.36 5.88 -3.44
N PHE C 331 -20.03 5.43 -2.39
CA PHE C 331 -20.00 6.16 -1.13
C PHE C 331 -18.56 6.38 -0.68
N PHE C 332 -17.67 5.46 -1.00
CA PHE C 332 -16.28 5.58 -0.58
C PHE C 332 -15.35 6.32 -1.56
N ASP C 333 -15.91 6.78 -2.70
CA ASP C 333 -15.07 7.39 -3.75
C ASP C 333 -14.31 8.59 -3.18
N LEU C 334 -14.96 9.39 -2.33
CA LEU C 334 -14.30 10.54 -1.73
C LEU C 334 -13.05 10.22 -0.90
N LEU C 335 -12.94 9.02 -0.36
CA LEU C 335 -11.73 8.65 0.36
C LEU C 335 -10.56 8.29 -0.56
N LYS C 336 -10.81 8.06 -1.84
CA LYS C 336 -9.73 7.65 -2.74
C LYS C 336 -9.11 8.87 -3.42
N LYS C 337 -7.78 8.96 -3.36
CA LYS C 337 -7.09 10.19 -3.70
C LYS C 337 -5.61 9.85 -3.92
#